data_4NZ2
#
_entry.id   4NZ2
#
_cell.length_a   164.380
_cell.length_b   164.380
_cell.length_c   111.590
_cell.angle_alpha   90.00
_cell.angle_beta   90.00
_cell.angle_gamma   120.00
#
_symmetry.space_group_name_H-M   'P 3 2 1'
#
loop_
_entity.id
_entity.type
_entity.pdbx_description
1 polymer 'Cytochrome P450 2C9'
2 non-polymer 'PROTOPORPHYRIN IX CONTAINING FE'
3 non-polymer GLYCEROL
4 non-polymer 'SULFATE ION'
5 non-polymer (2R)-N-{4-[(3-bromophenyl)sulfonyl]-2-chlorophenyl}-3,3,3-trifluoro-2-hydroxy-2-methylpropanamide
6 water water
#
_entity_poly.entity_id   1
_entity_poly.type   'polypeptide(L)'
_entity_poly.pdbx_seq_one_letter_code
;MAKKTSSKGRPPGPTPLPVIGNILQIGIKDISKSLTNLSKVYGPVFTLYFGLKPIVVLHGYEAVKEALIDLGEEFSGRGI
FPLAERANRGFGIVFSNGKKWKEIRRFSLMTLRNFGMGKRSIEDRVQEEARCLVEELRKTKASPCDPTFILGCAPCNVIC
SIIFHKRFDYKDQQFLNLMEKLNENIEILSSPWIQVYNNFPALLDYFPGTHNKLLKNVAFMKSYILEKVKEHQESMDMNN
PQDFIDCFLMKMEKEKHNQPSEFTIESLENTAVDLFGAGTETTSTTLRYALLLLLKHPEVTAKVQEEIERVIGRNRSPCM
QDRSHMPYTDAVVHEVQRYIDLLPTSLPHAVTCDIKFRNYLIPKGTTILISLTSVLHDNKEFPNPEMFDPHHFLDEGGNF
KKSKYFMPFSAGKRICVGEALAGMELFLFLTSILQNFNLKSLVDPKNLDTTPVVNGFASVPPFYQLCFIPVHHHH
;
_entity_poly.pdbx_strand_id   A,B
#
# COMPACT_ATOMS: atom_id res chain seq x y z
N LYS A 8 7.21 26.20 -26.02
CA LYS A 8 7.74 26.87 -27.21
C LYS A 8 7.37 26.15 -28.53
N GLY A 9 8.34 25.55 -29.21
CA GLY A 9 8.12 24.83 -30.46
C GLY A 9 8.53 23.38 -30.37
N ARG A 10 9.81 23.14 -30.01
CA ARG A 10 10.40 21.81 -29.86
C ARG A 10 10.81 21.64 -28.38
N PRO A 11 10.67 20.44 -27.77
CA PRO A 11 11.06 20.29 -26.35
C PRO A 11 12.53 20.66 -26.10
N PRO A 12 12.85 21.38 -24.98
CA PRO A 12 14.24 21.78 -24.73
C PRO A 12 15.13 20.63 -24.29
N GLY A 13 16.43 20.88 -24.17
CA GLY A 13 17.39 19.88 -23.74
C GLY A 13 18.83 20.35 -23.79
N PRO A 14 19.80 19.51 -23.36
CA PRO A 14 21.20 19.94 -23.41
C PRO A 14 21.69 19.99 -24.85
N THR A 15 22.42 21.06 -25.21
CA THR A 15 22.96 21.25 -26.55
C THR A 15 23.91 20.10 -26.90
N PRO A 16 23.59 19.31 -27.95
CA PRO A 16 24.46 18.17 -28.29
C PRO A 16 25.77 18.58 -28.96
N LEU A 17 26.80 17.75 -28.78
CA LEU A 17 28.10 17.97 -29.40
C LEU A 17 28.05 17.34 -30.81
N PRO A 18 28.77 17.87 -31.83
CA PRO A 18 28.74 17.24 -33.16
C PRO A 18 29.18 15.78 -33.12
N VAL A 19 28.57 14.91 -33.97
CA VAL A 19 28.79 13.46 -34.09
C VAL A 19 28.46 12.65 -32.80
N ILE A 20 29.05 13.02 -31.65
CA ILE A 20 28.85 12.36 -30.36
C ILE A 20 27.42 12.49 -29.76
N GLY A 21 26.80 13.66 -29.95
CA GLY A 21 25.46 13.95 -29.46
C GLY A 21 25.42 14.39 -28.01
N ASN A 22 24.52 13.78 -27.22
CA ASN A 22 24.34 14.08 -25.79
C ASN A 22 24.88 12.98 -24.85
N ILE A 23 25.64 12.00 -25.39
CA ILE A 23 26.24 10.87 -24.65
C ILE A 23 26.99 11.24 -23.35
N LEU A 24 27.65 12.42 -23.33
CA LEU A 24 28.40 12.92 -22.18
C LEU A 24 27.49 13.24 -20.98
N GLN A 25 26.26 13.72 -21.25
CA GLN A 25 25.26 14.04 -20.22
C GLN A 25 24.50 12.79 -19.78
N ILE A 26 24.18 11.88 -20.73
CA ILE A 26 23.46 10.63 -20.51
C ILE A 26 24.33 9.63 -19.74
N GLY A 27 25.58 9.49 -20.17
CA GLY A 27 26.54 8.56 -19.57
C GLY A 27 26.42 7.17 -20.16
N ILE A 28 26.63 6.13 -19.32
CA ILE A 28 26.58 4.73 -19.75
C ILE A 28 26.09 3.77 -18.64
N LYS A 29 26.53 3.97 -17.39
CA LYS A 29 26.14 3.13 -16.25
C LYS A 29 24.65 3.30 -15.88
N ASP A 30 24.29 4.42 -15.22
CA ASP A 30 22.90 4.67 -14.81
C ASP A 30 22.23 5.76 -15.67
N ILE A 31 21.47 5.32 -16.67
CA ILE A 31 20.74 6.19 -17.60
C ILE A 31 19.57 6.89 -16.89
N SER A 32 18.83 6.15 -16.05
CA SER A 32 17.67 6.62 -15.28
C SER A 32 17.96 7.79 -14.35
N LYS A 33 19.10 7.77 -13.65
CA LYS A 33 19.51 8.85 -12.75
C LYS A 33 19.85 10.11 -13.56
N SER A 34 20.45 9.93 -14.76
CA SER A 34 20.80 11.02 -15.67
C SER A 34 19.54 11.71 -16.20
N LEU A 35 18.51 10.92 -16.57
CA LEU A 35 17.22 11.40 -17.06
C LEU A 35 16.48 12.16 -15.97
N THR A 36 16.60 11.69 -14.70
CA THR A 36 16.01 12.31 -13.52
C THR A 36 16.65 13.67 -13.25
N ASN A 37 17.99 13.75 -13.35
CA ASN A 37 18.75 14.98 -13.15
C ASN A 37 18.47 15.99 -14.26
N LEU A 38 18.34 15.52 -15.52
CA LEU A 38 18.05 16.37 -16.68
C LEU A 38 16.64 16.95 -16.61
N SER A 39 15.67 16.17 -16.06
CA SER A 39 14.27 16.59 -15.90
C SER A 39 14.12 17.74 -14.89
N LYS A 40 15.05 17.83 -13.93
CA LYS A 40 15.06 18.91 -12.93
C LYS A 40 15.49 20.24 -13.56
N VAL A 41 16.22 20.15 -14.69
CA VAL A 41 16.74 21.30 -15.46
C VAL A 41 15.79 21.66 -16.61
N TYR A 42 15.35 20.66 -17.40
CA TYR A 42 14.53 20.86 -18.60
C TYR A 42 13.02 20.60 -18.49
N GLY A 43 12.58 20.06 -17.36
CA GLY A 43 11.16 19.77 -17.14
C GLY A 43 10.76 18.34 -17.45
N PRO A 44 9.45 18.04 -17.44
CA PRO A 44 9.01 16.65 -17.69
C PRO A 44 9.15 16.16 -19.14
N VAL A 45 9.25 17.08 -20.11
CA VAL A 45 9.36 16.78 -21.54
C VAL A 45 10.67 17.40 -22.06
N PHE A 46 11.67 16.56 -22.39
CA PHE A 46 12.95 17.04 -22.90
C PHE A 46 13.56 16.25 -24.06
N THR A 47 14.37 16.93 -24.89
CA THR A 47 15.04 16.36 -26.06
C THR A 47 16.49 15.97 -25.76
N LEU A 48 16.88 14.76 -26.19
CA LEU A 48 18.23 14.21 -26.07
C LEU A 48 18.67 13.66 -27.42
N TYR A 49 19.98 13.72 -27.70
CA TYR A 49 20.53 13.22 -28.95
C TYR A 49 21.42 12.00 -28.73
N PHE A 50 20.98 10.85 -29.26
CA PHE A 50 21.71 9.59 -29.22
C PHE A 50 22.48 9.56 -30.55
N GLY A 51 23.57 10.32 -30.56
CA GLY A 51 24.39 10.54 -31.75
C GLY A 51 23.77 11.65 -32.57
N LEU A 52 23.07 11.29 -33.65
CA LEU A 52 22.36 12.22 -34.53
C LEU A 52 20.84 12.07 -34.39
N LYS A 53 20.39 10.99 -33.72
CA LYS A 53 18.98 10.66 -33.51
C LYS A 53 18.32 11.49 -32.39
N PRO A 54 17.27 12.31 -32.72
CA PRO A 54 16.60 13.08 -31.67
C PRO A 54 15.59 12.22 -30.89
N ILE A 55 15.71 12.22 -29.55
CA ILE A 55 14.86 11.45 -28.65
C ILE A 55 14.14 12.39 -27.69
N VAL A 56 12.81 12.21 -27.53
CA VAL A 56 12.01 12.99 -26.60
C VAL A 56 11.74 12.12 -25.36
N VAL A 57 12.26 12.55 -24.20
CA VAL A 57 12.12 11.83 -22.93
C VAL A 57 10.93 12.37 -22.11
N LEU A 58 10.09 11.45 -21.60
CA LEU A 58 8.95 11.80 -20.77
C LEU A 58 9.20 11.33 -19.34
N HIS A 59 9.29 12.29 -18.41
CA HIS A 59 9.58 12.04 -17.00
C HIS A 59 8.40 12.44 -16.12
N GLY A 60 8.11 11.58 -15.14
CA GLY A 60 7.03 11.78 -14.18
C GLY A 60 5.72 11.20 -14.67
N TYR A 61 4.85 10.81 -13.71
CA TYR A 61 3.53 10.22 -13.96
C TYR A 61 2.65 11.07 -14.88
N GLU A 62 2.52 12.38 -14.59
CA GLU A 62 1.66 13.29 -15.34
C GLU A 62 1.94 13.31 -16.84
N ALA A 63 3.23 13.44 -17.23
CA ALA A 63 3.65 13.44 -18.63
C ALA A 63 3.47 12.06 -19.29
N VAL A 64 3.79 10.98 -18.55
CA VAL A 64 3.65 9.58 -19.00
C VAL A 64 2.16 9.23 -19.22
N LYS A 65 1.30 9.52 -18.23
CA LYS A 65 -0.15 9.27 -18.30
C LYS A 65 -0.85 10.07 -19.42
N GLU A 66 -0.46 11.35 -19.61
CA GLU A 66 -1.03 12.21 -20.66
C GLU A 66 -0.69 11.69 -22.07
N ALA A 67 0.52 11.16 -22.25
CA ALA A 67 0.98 10.64 -23.54
C ALA A 67 0.50 9.22 -23.79
N LEU A 68 0.73 8.30 -22.84
CA LEU A 68 0.37 6.89 -22.98
C LEU A 68 -1.12 6.58 -22.88
N ILE A 69 -1.88 7.31 -22.05
CA ILE A 69 -3.31 7.08 -21.88
C ILE A 69 -4.19 8.09 -22.64
N ASP A 70 -4.08 9.40 -22.34
CA ASP A 70 -4.88 10.46 -22.97
C ASP A 70 -4.68 10.57 -24.49
N LEU A 71 -3.42 10.45 -24.95
CA LEU A 71 -3.07 10.50 -26.37
C LEU A 71 -2.49 9.14 -26.80
N GLY A 72 -3.12 8.07 -26.31
CA GLY A 72 -2.77 6.67 -26.51
C GLY A 72 -2.41 6.26 -27.93
N GLU A 73 -3.30 6.58 -28.89
CA GLU A 73 -3.12 6.26 -30.32
C GLU A 73 -1.91 6.96 -30.92
N GLU A 74 -1.67 8.22 -30.51
CA GLU A 74 -0.57 9.06 -30.99
C GLU A 74 0.79 8.54 -30.52
N PHE A 75 0.84 7.93 -29.32
CA PHE A 75 2.07 7.38 -28.73
C PHE A 75 2.09 5.83 -28.78
N SER A 76 1.27 5.23 -29.68
CA SER A 76 1.17 3.78 -29.85
C SER A 76 2.24 3.16 -30.76
N GLY A 77 3.05 4.01 -31.39
CA GLY A 77 4.13 3.57 -32.27
C GLY A 77 5.32 3.03 -31.51
N ARG A 78 6.12 2.17 -32.17
CA ARG A 78 7.32 1.57 -31.59
C ARG A 78 8.56 2.17 -32.25
N GLY A 79 9.44 2.72 -31.42
CA GLY A 79 10.71 3.30 -31.86
C GLY A 79 11.73 2.20 -32.06
N ILE A 80 12.30 2.11 -33.26
CA ILE A 80 13.28 1.08 -33.59
C ILE A 80 14.69 1.66 -33.68
N PHE A 81 15.54 1.31 -32.70
CA PHE A 81 16.93 1.76 -32.61
C PHE A 81 17.83 1.02 -33.64
N PRO A 82 18.97 1.61 -34.07
CA PRO A 82 19.82 0.98 -35.11
C PRO A 82 20.15 -0.51 -34.96
N LEU A 83 20.50 -0.98 -33.75
CA LEU A 83 20.83 -2.39 -33.51
C LEU A 83 19.62 -3.29 -33.74
N ALA A 84 18.45 -2.90 -33.21
CA ALA A 84 17.18 -3.62 -33.35
C ALA A 84 16.81 -3.74 -34.83
N GLU A 85 16.97 -2.63 -35.59
CA GLU A 85 16.73 -2.53 -37.03
C GLU A 85 17.54 -3.57 -37.82
N ARG A 86 18.82 -3.75 -37.46
CA ARG A 86 19.73 -4.70 -38.11
C ARG A 86 19.58 -6.14 -37.63
N ALA A 87 19.26 -6.35 -36.33
CA ALA A 87 19.10 -7.68 -35.73
C ALA A 87 17.74 -8.32 -36.00
N ASN A 88 16.75 -7.54 -36.50
CA ASN A 88 15.40 -8.04 -36.78
C ASN A 88 15.06 -8.11 -38.26
N ARG A 89 15.04 -9.33 -38.82
CA ARG A 89 14.66 -9.60 -40.21
C ARG A 89 13.24 -10.14 -40.15
N GLY A 90 12.28 -9.25 -40.37
CA GLY A 90 10.85 -9.55 -40.28
C GLY A 90 10.33 -9.25 -38.90
N PHE A 91 9.18 -8.56 -38.83
CA PHE A 91 8.57 -8.16 -37.56
C PHE A 91 7.39 -9.03 -37.14
N GLY A 92 7.18 -9.13 -35.83
CA GLY A 92 6.09 -9.91 -35.23
C GLY A 92 5.10 -9.04 -34.50
N ILE A 93 5.41 -8.75 -33.22
CA ILE A 93 4.56 -7.94 -32.36
C ILE A 93 5.33 -6.79 -31.70
N VAL A 94 6.53 -7.08 -31.16
CA VAL A 94 7.41 -6.15 -30.45
C VAL A 94 7.83 -4.96 -31.33
N PHE A 95 8.37 -5.22 -32.54
CA PHE A 95 8.84 -4.16 -33.45
C PHE A 95 7.91 -3.84 -34.62
N SER A 96 6.70 -4.43 -34.64
CA SER A 96 5.70 -4.17 -35.68
C SER A 96 5.03 -2.81 -35.45
N ASN A 97 4.50 -2.21 -36.53
CA ASN A 97 3.81 -0.91 -36.49
C ASN A 97 2.58 -0.91 -37.41
N GLY A 98 1.66 0.03 -37.17
CA GLY A 98 0.44 0.21 -37.96
C GLY A 98 -0.56 -0.92 -37.89
N LYS A 99 -1.12 -1.30 -39.06
CA LYS A 99 -2.11 -2.36 -39.20
C LYS A 99 -1.55 -3.76 -38.95
N LYS A 100 -0.24 -3.96 -39.20
CA LYS A 100 0.48 -5.21 -38.97
C LYS A 100 0.51 -5.49 -37.45
N TRP A 101 0.86 -4.47 -36.65
CA TRP A 101 0.91 -4.55 -35.19
C TRP A 101 -0.49 -4.69 -34.61
N LYS A 102 -1.44 -3.81 -35.02
CA LYS A 102 -2.82 -3.79 -34.55
C LYS A 102 -3.56 -5.13 -34.69
N GLU A 103 -3.36 -5.83 -35.82
CA GLU A 103 -3.99 -7.13 -36.07
C GLU A 103 -3.32 -8.26 -35.31
N ILE A 104 -1.97 -8.32 -35.31
CA ILE A 104 -1.20 -9.36 -34.62
C ILE A 104 -1.34 -9.25 -33.08
N ARG A 105 -1.37 -8.02 -32.53
CA ARG A 105 -1.54 -7.77 -31.09
C ARG A 105 -2.92 -8.17 -30.60
N ARG A 106 -3.98 -7.77 -31.34
CA ARG A 106 -5.39 -8.07 -31.03
C ARG A 106 -5.60 -9.59 -31.02
N PHE A 107 -5.00 -10.30 -31.99
CA PHE A 107 -5.07 -11.75 -32.07
C PHE A 107 -4.36 -12.39 -30.88
N SER A 108 -3.13 -11.92 -30.58
CA SER A 108 -2.29 -12.42 -29.47
C SER A 108 -2.97 -12.25 -28.11
N LEU A 109 -3.63 -11.09 -27.88
CA LEU A 109 -4.35 -10.79 -26.63
C LEU A 109 -5.55 -11.71 -26.41
N MET A 110 -6.33 -11.95 -27.48
CA MET A 110 -7.50 -12.83 -27.46
C MET A 110 -7.08 -14.29 -27.26
N THR A 111 -5.97 -14.70 -27.90
CA THR A 111 -5.41 -16.05 -27.78
C THR A 111 -4.78 -16.27 -26.39
N LEU A 112 -4.16 -15.22 -25.82
CA LEU A 112 -3.53 -15.28 -24.50
C LEU A 112 -4.47 -15.17 -23.29
N ARG A 113 -5.80 -15.07 -23.53
CA ARG A 113 -6.81 -15.04 -22.46
C ARG A 113 -6.81 -16.43 -21.82
N ASN A 114 -7.16 -16.54 -20.52
CA ASN A 114 -7.18 -17.80 -19.78
C ASN A 114 -7.73 -19.01 -20.56
N PHE A 115 -8.89 -18.84 -21.24
CA PHE A 115 -9.50 -19.89 -22.06
C PHE A 115 -9.54 -19.51 -23.55
N GLY A 116 -8.41 -18.97 -24.04
CA GLY A 116 -8.27 -18.54 -25.42
C GLY A 116 -7.76 -19.59 -26.39
N MET A 117 -7.25 -20.73 -25.87
CA MET A 117 -6.68 -21.81 -26.67
C MET A 117 -7.33 -23.17 -26.35
N GLY A 118 -8.65 -23.25 -26.53
CA GLY A 118 -9.41 -24.47 -26.29
C GLY A 118 -9.75 -24.77 -24.85
N LYS A 119 -9.84 -26.07 -24.52
CA LYS A 119 -10.21 -26.61 -23.21
C LYS A 119 -9.24 -26.27 -22.07
N ARG A 120 -7.93 -26.56 -22.25
CA ARG A 120 -6.90 -26.30 -21.24
C ARG A 120 -6.64 -24.81 -21.06
N SER A 121 -6.70 -24.34 -19.82
CA SER A 121 -6.49 -22.93 -19.48
C SER A 121 -5.02 -22.55 -19.34
N ILE A 122 -4.73 -21.23 -19.42
CA ILE A 122 -3.39 -20.66 -19.24
C ILE A 122 -2.94 -20.99 -17.80
N GLU A 123 -3.85 -20.83 -16.82
CA GLU A 123 -3.62 -21.12 -15.40
C GLU A 123 -3.16 -22.55 -15.16
N ASP A 124 -3.83 -23.53 -15.81
CA ASP A 124 -3.52 -24.96 -15.72
C ASP A 124 -2.11 -25.26 -16.22
N ARG A 125 -1.66 -24.54 -17.26
CA ARG A 125 -0.32 -24.66 -17.84
C ARG A 125 0.73 -24.13 -16.86
N VAL A 126 0.45 -22.98 -16.22
CA VAL A 126 1.32 -22.35 -15.22
C VAL A 126 1.37 -23.23 -13.95
N GLN A 127 0.20 -23.74 -13.49
CA GLN A 127 0.07 -24.61 -12.31
C GLN A 127 0.88 -25.91 -12.47
N GLU A 128 0.90 -26.49 -13.68
CA GLU A 128 1.68 -27.69 -13.99
C GLU A 128 3.17 -27.37 -13.89
N GLU A 129 3.58 -26.19 -14.43
CA GLU A 129 4.95 -25.71 -14.40
C GLU A 129 5.42 -25.39 -12.98
N ALA A 130 4.53 -24.82 -12.14
CA ALA A 130 4.79 -24.49 -10.74
C ALA A 130 5.10 -25.77 -9.95
N ARG A 131 4.37 -26.86 -10.26
CA ARG A 131 4.53 -28.18 -9.64
C ARG A 131 5.87 -28.80 -10.08
N CYS A 132 6.24 -28.62 -11.37
CA CYS A 132 7.50 -29.11 -11.94
C CYS A 132 8.71 -28.33 -11.41
N LEU A 133 8.52 -27.02 -11.15
CA LEU A 133 9.54 -26.11 -10.60
C LEU A 133 9.96 -26.61 -9.21
N VAL A 134 8.94 -26.92 -8.36
CA VAL A 134 9.09 -27.42 -6.98
C VAL A 134 9.85 -28.75 -6.97
N GLU A 135 9.51 -29.67 -7.91
CA GLU A 135 10.15 -30.98 -8.05
C GLU A 135 11.64 -30.84 -8.41
N GLU A 136 11.97 -29.85 -9.25
CA GLU A 136 13.35 -29.58 -9.65
C GLU A 136 14.16 -28.91 -8.54
N LEU A 137 13.51 -28.09 -7.69
CA LEU A 137 14.17 -27.45 -6.55
C LEU A 137 14.40 -28.47 -5.44
N ARG A 138 13.53 -29.51 -5.39
CA ARG A 138 13.61 -30.62 -4.46
C ARG A 138 14.82 -31.50 -4.80
N LYS A 139 15.17 -31.58 -6.11
CA LYS A 139 16.32 -32.33 -6.63
C LYS A 139 17.65 -31.71 -6.20
N THR A 140 17.67 -30.41 -5.83
CA THR A 140 18.87 -29.69 -5.38
C THR A 140 19.37 -30.17 -4.01
N LYS A 141 18.58 -31.03 -3.31
CA LYS A 141 18.88 -31.64 -2.01
C LYS A 141 19.28 -30.65 -0.90
N ALA A 142 18.61 -29.47 -0.86
CA ALA A 142 18.84 -28.37 0.10
C ALA A 142 20.30 -27.88 0.17
N SER A 143 21.07 -28.11 -0.92
CA SER A 143 22.47 -27.73 -1.05
C SER A 143 22.59 -26.36 -1.74
N PRO A 144 23.68 -25.57 -1.49
CA PRO A 144 23.82 -24.26 -2.15
C PRO A 144 23.76 -24.33 -3.68
N CYS A 145 22.95 -23.44 -4.29
CA CYS A 145 22.78 -23.38 -5.75
C CYS A 145 22.48 -21.98 -6.28
N ASP A 146 22.84 -21.75 -7.55
CA ASP A 146 22.55 -20.51 -8.28
C ASP A 146 21.19 -20.78 -8.94
N PRO A 147 20.12 -20.07 -8.54
CA PRO A 147 18.78 -20.39 -9.10
C PRO A 147 18.52 -19.90 -10.54
N THR A 148 19.49 -19.18 -11.15
CA THR A 148 19.42 -18.62 -12.50
C THR A 148 18.86 -19.59 -13.55
N PHE A 149 19.39 -20.82 -13.60
CA PHE A 149 18.97 -21.84 -14.56
C PHE A 149 17.53 -22.35 -14.34
N ILE A 150 17.23 -22.87 -13.12
CA ILE A 150 15.91 -23.40 -12.76
C ILE A 150 14.80 -22.35 -12.93
N LEU A 151 15.05 -21.10 -12.47
CA LEU A 151 14.09 -20.00 -12.59
C LEU A 151 13.91 -19.50 -14.03
N GLY A 152 14.84 -19.85 -14.91
CA GLY A 152 14.78 -19.50 -16.32
C GLY A 152 13.99 -20.53 -17.11
N CYS A 153 14.02 -21.80 -16.65
CA CYS A 153 13.34 -22.94 -17.26
C CYS A 153 11.82 -22.83 -17.24
N ALA A 154 11.24 -22.50 -16.08
CA ALA A 154 9.80 -22.37 -15.88
C ALA A 154 9.10 -21.33 -16.80
N PRO A 155 9.55 -20.05 -16.92
CA PRO A 155 8.87 -19.11 -17.84
C PRO A 155 8.97 -19.49 -19.31
N CYS A 156 10.12 -20.08 -19.72
CA CYS A 156 10.36 -20.54 -21.10
C CYS A 156 9.40 -21.69 -21.44
N ASN A 157 9.24 -22.63 -20.49
CA ASN A 157 8.37 -23.80 -20.63
C ASN A 157 6.88 -23.44 -20.66
N VAL A 158 6.50 -22.33 -20.00
CA VAL A 158 5.13 -21.82 -19.99
C VAL A 158 4.78 -21.36 -21.43
N ILE A 159 5.72 -20.64 -22.09
CA ILE A 159 5.59 -20.19 -23.48
C ILE A 159 5.61 -21.40 -24.42
N CYS A 160 6.45 -22.43 -24.12
CA CYS A 160 6.53 -23.69 -24.88
C CYS A 160 5.15 -24.37 -24.86
N SER A 161 4.50 -24.37 -23.67
CA SER A 161 3.17 -24.93 -23.44
C SER A 161 2.08 -24.08 -24.09
N ILE A 162 2.33 -22.77 -24.27
CA ILE A 162 1.38 -21.86 -24.91
C ILE A 162 1.47 -21.94 -26.44
N ILE A 163 2.70 -22.00 -26.97
CA ILE A 163 2.96 -22.07 -28.42
C ILE A 163 2.79 -23.48 -28.98
N PHE A 164 3.38 -24.51 -28.34
CA PHE A 164 3.31 -25.89 -28.84
C PHE A 164 2.43 -26.86 -28.03
N HIS A 165 1.56 -26.33 -27.14
CA HIS A 165 0.64 -27.09 -26.25
C HIS A 165 1.28 -28.07 -25.25
N LYS A 166 2.60 -28.33 -25.38
CA LYS A 166 3.32 -29.25 -24.52
C LYS A 166 4.60 -28.66 -23.95
N ARG A 167 4.82 -28.87 -22.64
CA ARG A 167 6.02 -28.44 -21.92
C ARG A 167 7.11 -29.51 -22.12
N PHE A 168 8.36 -29.19 -21.76
CA PHE A 168 9.49 -30.12 -21.90
C PHE A 168 10.12 -30.42 -20.56
N ASP A 169 10.85 -31.55 -20.48
CA ASP A 169 11.62 -31.91 -19.31
C ASP A 169 12.82 -30.97 -19.29
N TYR A 170 13.26 -30.51 -18.10
CA TYR A 170 14.39 -29.57 -17.96
C TYR A 170 15.74 -30.14 -18.47
N LYS A 171 15.72 -31.37 -19.00
CA LYS A 171 16.87 -32.08 -19.56
C LYS A 171 16.75 -32.34 -21.07
N ASP A 172 15.56 -32.11 -21.67
CA ASP A 172 15.32 -32.27 -23.11
C ASP A 172 16.24 -31.33 -23.88
N GLN A 173 17.04 -31.90 -24.80
CA GLN A 173 18.04 -31.19 -25.61
C GLN A 173 17.48 -30.02 -26.42
N GLN A 174 16.31 -30.19 -27.07
CA GLN A 174 15.67 -29.13 -27.87
C GLN A 174 15.26 -27.92 -27.02
N PHE A 175 14.86 -28.17 -25.75
CA PHE A 175 14.47 -27.15 -24.79
C PHE A 175 15.73 -26.41 -24.29
N LEU A 176 16.81 -27.17 -24.02
CA LEU A 176 18.11 -26.62 -23.58
C LEU A 176 18.74 -25.76 -24.66
N ASN A 177 18.58 -26.17 -25.94
CA ASN A 177 19.09 -25.43 -27.10
C ASN A 177 18.34 -24.11 -27.26
N LEU A 178 17.00 -24.14 -27.10
CA LEU A 178 16.13 -22.97 -27.19
C LEU A 178 16.47 -21.92 -26.11
N MET A 179 16.75 -22.39 -24.88
CA MET A 179 17.15 -21.55 -23.75
C MET A 179 18.54 -20.97 -23.94
N GLU A 180 19.45 -21.73 -24.58
CA GLU A 180 20.83 -21.34 -24.87
C GLU A 180 20.84 -20.13 -25.81
N LYS A 181 19.98 -20.15 -26.84
CA LYS A 181 19.84 -19.07 -27.83
C LYS A 181 19.21 -17.82 -27.21
N LEU A 182 18.23 -18.02 -26.31
CA LEU A 182 17.55 -16.94 -25.61
C LEU A 182 18.48 -16.23 -24.62
N ASN A 183 19.27 -17.00 -23.84
CA ASN A 183 20.23 -16.47 -22.87
C ASN A 183 21.40 -15.75 -23.56
N GLU A 184 21.85 -16.28 -24.72
CA GLU A 184 22.93 -15.70 -25.52
C GLU A 184 22.52 -14.31 -26.01
N ASN A 185 21.30 -14.22 -26.57
CA ASN A 185 20.68 -12.99 -27.08
C ASN A 185 20.50 -11.92 -26.01
N ILE A 186 20.13 -12.34 -24.78
CA ILE A 186 19.96 -11.45 -23.64
C ILE A 186 21.32 -10.93 -23.18
N GLU A 187 22.34 -11.81 -23.12
CA GLU A 187 23.71 -11.44 -22.74
C GLU A 187 24.27 -10.39 -23.71
N ILE A 188 23.96 -10.54 -25.02
CA ILE A 188 24.36 -9.61 -26.07
C ILE A 188 23.65 -8.26 -25.86
N LEU A 189 22.31 -8.28 -25.72
CA LEU A 189 21.50 -7.07 -25.50
C LEU A 189 21.78 -6.33 -24.19
N SER A 190 22.22 -7.08 -23.14
CA SER A 190 22.52 -6.51 -21.83
C SER A 190 24.01 -6.12 -21.66
N SER A 191 24.81 -6.28 -22.73
CA SER A 191 26.24 -5.91 -22.72
C SER A 191 26.34 -4.37 -22.74
N PRO A 192 26.98 -3.72 -21.73
CA PRO A 192 27.01 -2.24 -21.69
C PRO A 192 27.52 -1.50 -22.92
N TRP A 193 28.46 -2.09 -23.69
CA TRP A 193 29.00 -1.45 -24.89
C TRP A 193 28.08 -1.53 -26.12
N ILE A 194 26.85 -2.09 -25.98
CA ILE A 194 25.90 -2.20 -27.08
C ILE A 194 25.23 -0.88 -27.49
N GLN A 195 25.02 0.05 -26.52
CA GLN A 195 24.39 1.35 -26.80
C GLN A 195 25.24 2.25 -27.71
N VAL A 196 26.55 1.92 -27.85
CA VAL A 196 27.52 2.61 -28.71
C VAL A 196 27.10 2.41 -30.19
N TYR A 197 26.46 1.27 -30.50
CA TYR A 197 25.92 0.97 -31.84
C TYR A 197 24.73 1.88 -32.14
N ASN A 198 23.91 2.20 -31.11
CA ASN A 198 22.73 3.06 -31.24
C ASN A 198 23.15 4.53 -31.39
N ASN A 199 24.24 4.92 -30.70
CA ASN A 199 24.78 6.28 -30.79
C ASN A 199 25.50 6.48 -32.13
N PHE A 200 26.16 5.43 -32.63
CA PHE A 200 26.87 5.46 -33.91
C PHE A 200 26.43 4.27 -34.80
N PRO A 201 25.37 4.45 -35.63
CA PRO A 201 24.90 3.33 -36.49
C PRO A 201 25.87 2.84 -37.56
N ALA A 202 26.95 3.62 -37.83
CA ALA A 202 27.98 3.27 -38.81
C ALA A 202 28.83 2.11 -38.31
N LEU A 203 29.03 2.01 -36.97
CA LEU A 203 29.81 0.95 -36.32
C LEU A 203 29.25 -0.46 -36.52
N LEU A 204 27.94 -0.57 -36.83
CA LEU A 204 27.26 -1.84 -37.12
C LEU A 204 27.82 -2.46 -38.40
N ASP A 205 28.20 -1.62 -39.39
CA ASP A 205 28.79 -2.06 -40.65
C ASP A 205 30.22 -2.53 -40.46
N TYR A 206 31.05 -1.77 -39.70
CA TYR A 206 32.45 -2.09 -39.43
C TYR A 206 32.65 -3.22 -38.43
N PHE A 207 31.70 -3.40 -37.50
CA PHE A 207 31.72 -4.45 -36.49
C PHE A 207 30.39 -5.22 -36.56
N PRO A 208 30.22 -6.11 -37.57
CA PRO A 208 28.93 -6.81 -37.70
C PRO A 208 28.74 -8.06 -36.84
N GLY A 209 29.81 -8.51 -36.18
CA GLY A 209 29.83 -9.69 -35.32
C GLY A 209 28.71 -9.78 -34.30
N THR A 210 28.32 -8.63 -33.73
CA THR A 210 27.26 -8.53 -32.73
C THR A 210 25.88 -8.83 -33.33
N HIS A 211 25.45 -8.07 -34.36
CA HIS A 211 24.14 -8.27 -34.99
C HIS A 211 24.00 -9.60 -35.75
N ASN A 212 25.11 -10.09 -36.36
CA ASN A 212 25.14 -11.37 -37.09
C ASN A 212 24.84 -12.53 -36.15
N LYS A 213 25.40 -12.50 -34.92
CA LYS A 213 25.19 -13.50 -33.87
C LYS A 213 23.72 -13.52 -33.43
N LEU A 214 23.10 -12.32 -33.29
CA LEU A 214 21.69 -12.19 -32.93
C LEU A 214 20.80 -12.75 -34.04
N LEU A 215 21.16 -12.46 -35.32
CA LEU A 215 20.44 -12.93 -36.51
C LEU A 215 20.50 -14.45 -36.64
N LYS A 216 21.65 -15.06 -36.32
CA LYS A 216 21.84 -16.51 -36.37
C LYS A 216 21.02 -17.25 -35.31
N ASN A 217 20.95 -16.70 -34.09
CA ASN A 217 20.18 -17.28 -32.98
C ASN A 217 18.68 -17.17 -33.23
N VAL A 218 18.23 -16.06 -33.86
CA VAL A 218 16.83 -15.82 -34.22
C VAL A 218 16.43 -16.80 -35.33
N ALA A 219 17.31 -16.97 -36.36
CA ALA A 219 17.09 -17.89 -37.49
C ALA A 219 16.97 -19.34 -37.01
N PHE A 220 17.77 -19.72 -35.98
CA PHE A 220 17.77 -21.05 -35.36
C PHE A 220 16.41 -21.28 -34.70
N MET A 221 15.93 -20.28 -33.94
CA MET A 221 14.65 -20.28 -33.23
C MET A 221 13.47 -20.32 -34.19
N LYS A 222 13.54 -19.54 -35.29
CA LYS A 222 12.51 -19.47 -36.34
C LYS A 222 12.36 -20.84 -37.03
N SER A 223 13.49 -21.49 -37.38
CA SER A 223 13.53 -22.79 -38.03
C SER A 223 13.01 -23.90 -37.11
N TYR A 224 13.29 -23.78 -35.80
CA TYR A 224 12.83 -24.72 -34.76
C TYR A 224 11.31 -24.62 -34.62
N ILE A 225 10.77 -23.38 -34.67
CA ILE A 225 9.34 -23.08 -34.59
C ILE A 225 8.64 -23.56 -35.88
N LEU A 226 9.34 -23.46 -37.04
CA LEU A 226 8.86 -23.90 -38.36
C LEU A 226 8.62 -25.42 -38.36
N GLU A 227 9.45 -26.19 -37.64
CA GLU A 227 9.30 -27.64 -37.50
C GLU A 227 7.98 -27.94 -36.78
N LYS A 228 7.70 -27.14 -35.74
CA LYS A 228 6.49 -27.25 -34.91
C LYS A 228 5.23 -26.86 -35.68
N VAL A 229 5.28 -25.78 -36.50
CA VAL A 229 4.12 -25.35 -37.29
C VAL A 229 3.73 -26.40 -38.35
N LYS A 230 4.75 -27.11 -38.93
CA LYS A 230 4.56 -28.17 -39.92
C LYS A 230 3.95 -29.40 -39.26
N GLU A 231 4.39 -29.73 -38.02
CA GLU A 231 3.87 -30.84 -37.21
C GLU A 231 2.42 -30.55 -36.85
N HIS A 232 2.11 -29.27 -36.56
CA HIS A 232 0.77 -28.79 -36.25
C HIS A 232 -0.12 -28.86 -37.49
N GLN A 233 0.35 -28.33 -38.65
CA GLN A 233 -0.38 -28.37 -39.94
C GLN A 233 -0.73 -29.81 -40.35
N GLU A 234 0.13 -30.76 -39.97
CA GLU A 234 0.00 -32.19 -40.23
C GLU A 234 -1.13 -32.81 -39.39
N SER A 235 -1.25 -32.43 -38.10
CA SER A 235 -2.26 -32.98 -37.18
C SER A 235 -3.25 -31.97 -36.57
N MET A 236 -3.42 -30.80 -37.20
CA MET A 236 -4.34 -29.77 -36.69
C MET A 236 -5.79 -30.15 -36.93
N ASP A 237 -6.58 -30.08 -35.86
CA ASP A 237 -8.01 -30.35 -35.89
C ASP A 237 -8.72 -29.01 -35.78
N MET A 238 -9.37 -28.58 -36.88
CA MET A 238 -10.16 -27.34 -36.94
C MET A 238 -11.36 -27.57 -36.01
N ASN A 239 -11.76 -26.52 -35.26
CA ASN A 239 -12.83 -26.51 -34.25
C ASN A 239 -12.31 -26.94 -32.86
N ASN A 240 -11.11 -27.54 -32.81
CA ASN A 240 -10.46 -27.99 -31.56
C ASN A 240 -9.00 -27.48 -31.43
N PRO A 241 -8.80 -26.17 -31.12
CA PRO A 241 -7.42 -25.67 -30.97
C PRO A 241 -6.80 -26.06 -29.64
N GLN A 242 -5.49 -26.35 -29.63
CA GLN A 242 -4.76 -26.74 -28.43
C GLN A 242 -3.75 -25.69 -27.98
N ASP A 243 -3.28 -24.85 -28.92
CA ASP A 243 -2.26 -23.83 -28.66
C ASP A 243 -2.33 -22.60 -29.58
N PHE A 244 -1.31 -21.72 -29.46
CA PHE A 244 -1.14 -20.47 -30.22
C PHE A 244 -1.01 -20.73 -31.72
N ILE A 245 -0.22 -21.76 -32.11
CA ILE A 245 -0.01 -22.14 -33.52
C ILE A 245 -1.35 -22.56 -34.15
N ASP A 246 -2.10 -23.48 -33.49
CA ASP A 246 -3.41 -23.96 -33.93
C ASP A 246 -4.36 -22.79 -34.18
N CYS A 247 -4.40 -21.82 -33.25
CA CYS A 247 -5.23 -20.61 -33.32
C CYS A 247 -4.79 -19.70 -34.49
N PHE A 248 -3.47 -19.62 -34.74
CA PHE A 248 -2.90 -18.80 -35.82
C PHE A 248 -3.20 -19.41 -37.20
N LEU A 249 -3.09 -20.75 -37.31
CA LEU A 249 -3.36 -21.46 -38.56
C LEU A 249 -4.83 -21.38 -38.97
N MET A 250 -5.76 -21.42 -37.99
CA MET A 250 -7.19 -21.30 -38.29
C MET A 250 -7.58 -19.85 -38.59
N LYS A 251 -6.78 -18.88 -38.09
CA LYS A 251 -6.97 -17.46 -38.37
C LYS A 251 -6.55 -17.22 -39.83
N MET A 252 -5.50 -17.94 -40.29
CA MET A 252 -4.97 -17.91 -41.66
C MET A 252 -6.00 -18.49 -42.64
N GLU A 253 -6.76 -19.53 -42.21
CA GLU A 253 -7.82 -20.17 -42.99
C GLU A 253 -8.99 -19.20 -43.17
N LYS A 254 -9.25 -18.37 -42.14
CA LYS A 254 -10.29 -17.34 -42.15
C LYS A 254 -9.81 -16.15 -43.03
N GLU A 255 -8.49 -16.03 -43.23
CA GLU A 255 -7.83 -14.99 -44.01
C GLU A 255 -7.53 -15.35 -45.49
N LYS A 256 -7.92 -16.57 -45.95
CA LYS A 256 -7.69 -16.98 -47.36
C LYS A 256 -8.43 -16.07 -48.34
N HIS A 257 -9.66 -15.65 -47.97
CA HIS A 257 -10.46 -14.66 -48.69
C HIS A 257 -9.91 -13.34 -48.15
N ASN A 258 -9.59 -12.38 -49.06
CA ASN A 258 -8.92 -11.10 -48.80
C ASN A 258 -7.44 -11.48 -48.54
N GLN A 259 -6.81 -12.07 -49.58
CA GLN A 259 -5.44 -12.62 -49.60
C GLN A 259 -4.24 -11.79 -49.06
N PRO A 260 -4.10 -10.44 -49.27
CA PRO A 260 -2.91 -9.74 -48.73
C PRO A 260 -2.40 -10.26 -47.38
N SER A 261 -3.31 -10.37 -46.38
CA SER A 261 -3.13 -10.92 -45.02
C SER A 261 -1.88 -10.60 -44.21
N GLU A 262 -2.09 -10.18 -42.95
CA GLU A 262 -1.02 -9.89 -41.99
C GLU A 262 -0.59 -11.18 -41.27
N PHE A 263 -1.42 -12.23 -41.38
CA PHE A 263 -1.21 -13.54 -40.77
C PHE A 263 -0.64 -14.54 -41.77
N THR A 264 0.66 -14.83 -41.64
CA THR A 264 1.42 -15.75 -42.49
C THR A 264 2.30 -16.67 -41.62
N ILE A 265 2.90 -17.71 -42.22
CA ILE A 265 3.82 -18.64 -41.53
C ILE A 265 5.05 -17.85 -41.02
N GLU A 266 5.50 -16.86 -41.81
CA GLU A 266 6.60 -15.94 -41.52
C GLU A 266 6.27 -15.08 -40.29
N SER A 267 5.08 -14.42 -40.29
CA SER A 267 4.62 -13.58 -39.17
C SER A 267 4.35 -14.39 -37.90
N LEU A 268 4.01 -15.69 -38.04
CA LEU A 268 3.80 -16.62 -36.93
C LEU A 268 5.14 -16.92 -36.26
N GLU A 269 6.20 -17.17 -37.08
CA GLU A 269 7.57 -17.43 -36.62
C GLU A 269 8.11 -16.23 -35.85
N ASN A 270 7.82 -15.01 -36.36
CA ASN A 270 8.23 -13.74 -35.79
C ASN A 270 7.52 -13.44 -34.46
N THR A 271 6.19 -13.71 -34.39
CA THR A 271 5.40 -13.50 -33.17
C THR A 271 5.84 -14.50 -32.08
N ALA A 272 6.11 -15.75 -32.46
CA ALA A 272 6.55 -16.81 -31.55
C ALA A 272 7.91 -16.49 -30.91
N VAL A 273 8.91 -16.05 -31.70
CA VAL A 273 10.24 -15.66 -31.19
C VAL A 273 10.15 -14.44 -30.28
N ASP A 274 9.24 -13.49 -30.59
CA ASP A 274 8.98 -12.28 -29.81
C ASP A 274 8.40 -12.64 -28.46
N LEU A 275 7.43 -13.58 -28.43
CA LEU A 275 6.80 -14.06 -27.20
C LEU A 275 7.80 -14.83 -26.33
N PHE A 276 8.75 -15.55 -26.95
CA PHE A 276 9.82 -16.27 -26.25
C PHE A 276 10.85 -15.28 -25.68
N GLY A 277 11.21 -14.26 -26.46
CA GLY A 277 12.18 -13.24 -26.07
C GLY A 277 11.69 -12.32 -24.98
N ALA A 278 10.51 -11.71 -25.18
CA ALA A 278 9.89 -10.78 -24.24
C ALA A 278 9.28 -11.45 -23.01
N GLY A 279 9.00 -12.75 -23.11
CA GLY A 279 8.34 -13.51 -22.04
C GLY A 279 9.19 -14.38 -21.16
N THR A 280 10.46 -14.60 -21.50
CA THR A 280 11.33 -15.48 -20.70
C THR A 280 12.15 -14.75 -19.66
N GLU A 281 13.16 -13.97 -20.11
CA GLU A 281 14.08 -13.27 -19.23
C GLU A 281 13.49 -12.23 -18.31
N THR A 282 12.39 -11.56 -18.74
CA THR A 282 11.68 -10.58 -17.91
C THR A 282 11.14 -11.24 -16.65
N THR A 283 10.39 -12.36 -16.82
CA THR A 283 9.78 -13.15 -15.75
C THR A 283 10.86 -13.83 -14.90
N SER A 284 11.88 -14.41 -15.55
CA SER A 284 13.02 -15.10 -14.92
C SER A 284 13.81 -14.21 -13.97
N THR A 285 14.19 -12.99 -14.45
CA THR A 285 14.94 -12.00 -13.69
C THR A 285 14.12 -11.48 -12.51
N THR A 286 12.79 -11.29 -12.69
CA THR A 286 11.87 -10.84 -11.64
C THR A 286 11.79 -11.89 -10.51
N LEU A 287 11.71 -13.19 -10.88
CA LEU A 287 11.66 -14.31 -9.93
C LEU A 287 12.99 -14.42 -9.17
N ARG A 288 14.12 -14.29 -9.90
CA ARG A 288 15.47 -14.35 -9.34
C ARG A 288 15.68 -13.20 -8.36
N TYR A 289 15.19 -12.00 -8.72
CA TYR A 289 15.27 -10.83 -7.86
C TYR A 289 14.35 -10.95 -6.65
N ALA A 290 13.15 -11.55 -6.83
CA ALA A 290 12.18 -11.77 -5.75
C ALA A 290 12.78 -12.65 -4.66
N LEU A 291 13.42 -13.79 -5.03
CA LEU A 291 14.06 -14.70 -4.08
C LEU A 291 15.24 -14.07 -3.34
N LEU A 292 16.00 -13.19 -4.03
CA LEU A 292 17.12 -12.46 -3.43
C LEU A 292 16.62 -11.47 -2.37
N LEU A 293 15.51 -10.76 -2.67
CA LEU A 293 14.88 -9.80 -1.76
C LEU A 293 14.23 -10.51 -0.57
N LEU A 294 13.70 -11.73 -0.79
CA LEU A 294 13.09 -12.54 0.26
C LEU A 294 14.16 -13.09 1.23
N LEU A 295 15.40 -13.30 0.75
CA LEU A 295 16.54 -13.74 1.56
C LEU A 295 17.02 -12.60 2.46
N LYS A 296 17.07 -11.38 1.89
CA LYS A 296 17.48 -10.14 2.58
C LYS A 296 16.49 -9.77 3.68
N HIS A 297 15.19 -10.04 3.46
CA HIS A 297 14.13 -9.73 4.41
C HIS A 297 13.39 -11.01 4.84
N PRO A 298 13.95 -11.79 5.81
CA PRO A 298 13.28 -13.03 6.24
C PRO A 298 11.94 -12.80 6.95
N GLU A 299 11.76 -11.60 7.55
CA GLU A 299 10.53 -11.21 8.25
C GLU A 299 9.35 -11.06 7.26
N VAL A 300 9.67 -10.63 6.02
CA VAL A 300 8.73 -10.48 4.90
C VAL A 300 8.34 -11.89 4.43
N THR A 301 9.34 -12.78 4.26
CA THR A 301 9.18 -14.18 3.84
C THR A 301 8.30 -14.96 4.83
N ALA A 302 8.50 -14.75 6.15
CA ALA A 302 7.76 -15.39 7.22
C ALA A 302 6.28 -15.01 7.17
N LYS A 303 5.96 -13.72 6.91
CA LYS A 303 4.59 -13.21 6.81
C LYS A 303 3.88 -13.77 5.57
N VAL A 304 4.63 -13.99 4.46
CA VAL A 304 4.09 -14.56 3.21
C VAL A 304 3.73 -16.02 3.49
N GLN A 305 4.64 -16.77 4.15
CA GLN A 305 4.44 -18.17 4.52
C GLN A 305 3.27 -18.38 5.49
N GLU A 306 2.98 -17.37 6.35
CA GLU A 306 1.86 -17.37 7.29
C GLU A 306 0.54 -17.31 6.50
N GLU A 307 0.50 -16.47 5.44
CA GLU A 307 -0.63 -16.29 4.54
C GLU A 307 -0.85 -17.52 3.68
N ILE A 308 0.25 -18.16 3.22
CA ILE A 308 0.20 -19.38 2.41
C ILE A 308 -0.41 -20.49 3.25
N GLU A 309 0.06 -20.65 4.50
CA GLU A 309 -0.40 -21.69 5.44
C GLU A 309 -1.88 -21.54 5.84
N ARG A 310 -2.39 -20.30 5.91
CA ARG A 310 -3.76 -20.00 6.31
C ARG A 310 -4.77 -20.06 5.15
N VAL A 311 -4.48 -19.40 4.03
CA VAL A 311 -5.37 -19.34 2.85
C VAL A 311 -5.33 -20.67 2.08
N ILE A 312 -4.14 -21.08 1.66
CA ILE A 312 -3.90 -22.35 0.96
C ILE A 312 -3.42 -23.28 2.08
N GLY A 313 -3.40 -24.58 1.85
CA GLY A 313 -2.88 -25.48 2.88
C GLY A 313 -1.48 -25.90 2.52
N ARG A 314 -1.19 -27.18 2.73
CA ARG A 314 0.06 -27.84 2.36
C ARG A 314 -0.33 -29.06 1.54
N ASN A 315 -1.65 -29.33 1.47
CA ASN A 315 -2.26 -30.46 0.78
C ASN A 315 -2.79 -30.11 -0.63
N ARG A 316 -2.65 -28.84 -1.05
CA ARG A 316 -3.07 -28.39 -2.39
C ARG A 316 -2.16 -27.31 -2.99
N SER A 317 -2.13 -27.22 -4.33
CA SER A 317 -1.32 -26.24 -5.05
C SER A 317 -2.03 -24.87 -5.06
N PRO A 318 -1.27 -23.74 -5.08
CA PRO A 318 -1.92 -22.42 -5.14
C PRO A 318 -2.64 -22.18 -6.47
N CYS A 319 -3.66 -21.31 -6.44
CA CYS A 319 -4.42 -20.91 -7.63
C CYS A 319 -4.67 -19.40 -7.63
N MET A 320 -5.13 -18.84 -8.75
CA MET A 320 -5.36 -17.39 -8.89
C MET A 320 -6.46 -16.84 -7.98
N GLN A 321 -7.43 -17.69 -7.57
CA GLN A 321 -8.52 -17.31 -6.67
C GLN A 321 -8.04 -17.00 -5.25
N ASP A 322 -6.86 -17.54 -4.87
CA ASP A 322 -6.24 -17.33 -3.56
C ASP A 322 -5.68 -15.91 -3.40
N ARG A 323 -5.23 -15.29 -4.51
CA ARG A 323 -4.62 -13.94 -4.57
C ARG A 323 -5.41 -12.83 -3.89
N SER A 324 -6.74 -12.78 -4.08
CA SER A 324 -7.61 -11.77 -3.48
C SER A 324 -7.70 -11.94 -1.95
N HIS A 325 -7.50 -13.18 -1.48
CA HIS A 325 -7.51 -13.54 -0.06
C HIS A 325 -6.11 -13.43 0.55
N MET A 326 -5.11 -13.07 -0.27
CA MET A 326 -3.71 -12.94 0.14
C MET A 326 -3.17 -11.52 -0.14
N PRO A 327 -3.61 -10.47 0.62
CA PRO A 327 -3.13 -9.10 0.34
C PRO A 327 -1.63 -8.88 0.54
N TYR A 328 -1.02 -9.51 1.59
CA TYR A 328 0.40 -9.37 1.87
C TYR A 328 1.27 -9.94 0.77
N THR A 329 0.98 -11.17 0.29
CA THR A 329 1.72 -11.82 -0.78
C THR A 329 1.61 -11.00 -2.08
N ASP A 330 0.41 -10.48 -2.37
CA ASP A 330 0.12 -9.64 -3.53
C ASP A 330 0.92 -8.33 -3.47
N ALA A 331 1.08 -7.78 -2.25
CA ALA A 331 1.85 -6.56 -2.00
C ALA A 331 3.35 -6.80 -2.23
N VAL A 332 3.86 -7.97 -1.79
CA VAL A 332 5.26 -8.40 -1.94
C VAL A 332 5.61 -8.53 -3.42
N VAL A 333 4.72 -9.17 -4.22
CA VAL A 333 4.91 -9.36 -5.67
C VAL A 333 4.94 -7.98 -6.36
N HIS A 334 3.98 -7.09 -6.02
CA HIS A 334 3.90 -5.72 -6.53
C HIS A 334 5.14 -4.92 -6.14
N GLU A 335 5.62 -5.10 -4.89
CA GLU A 335 6.80 -4.41 -4.38
C GLU A 335 8.08 -4.84 -5.05
N VAL A 336 8.23 -6.15 -5.38
CA VAL A 336 9.40 -6.67 -6.09
C VAL A 336 9.48 -5.95 -7.45
N GLN A 337 8.39 -6.00 -8.23
CA GLN A 337 8.27 -5.36 -9.55
C GLN A 337 8.52 -3.85 -9.51
N ARG A 338 7.96 -3.14 -8.50
CA ARG A 338 8.11 -1.70 -8.32
C ARG A 338 9.55 -1.32 -7.95
N TYR A 339 10.13 -2.01 -6.94
CA TYR A 339 11.49 -1.75 -6.46
C TYR A 339 12.56 -2.03 -7.51
N ILE A 340 12.52 -3.21 -8.13
CA ILE A 340 13.52 -3.66 -9.11
C ILE A 340 13.62 -2.80 -10.36
N ASP A 341 12.49 -2.26 -10.85
CA ASP A 341 12.41 -1.39 -12.04
C ASP A 341 13.19 -2.05 -13.21
N LEU A 342 12.75 -3.27 -13.56
CA LEU A 342 13.30 -4.18 -14.57
C LEU A 342 13.66 -3.50 -15.89
N LEU A 343 12.73 -2.75 -16.48
CA LEU A 343 12.95 -2.00 -17.72
C LEU A 343 12.78 -0.51 -17.39
N PRO A 344 13.88 0.15 -16.95
CA PRO A 344 13.78 1.56 -16.52
C PRO A 344 13.19 2.54 -17.54
N THR A 345 13.49 2.34 -18.83
CA THR A 345 12.99 3.19 -19.90
C THR A 345 12.02 2.44 -20.82
N SER A 346 11.41 1.34 -20.32
CA SER A 346 10.47 0.47 -21.04
C SER A 346 11.10 0.03 -22.38
N LEU A 347 10.31 0.03 -23.46
CA LEU A 347 10.73 -0.22 -24.83
C LEU A 347 10.53 1.12 -25.55
N PRO A 348 11.37 1.48 -26.56
CA PRO A 348 11.22 2.80 -27.18
C PRO A 348 9.91 2.97 -27.95
N HIS A 349 9.26 4.11 -27.73
CA HIS A 349 8.01 4.47 -28.39
C HIS A 349 8.30 5.42 -29.56
N ALA A 350 7.28 5.72 -30.36
CA ALA A 350 7.36 6.62 -31.51
C ALA A 350 6.00 7.26 -31.73
N VAL A 351 6.00 8.53 -32.13
CA VAL A 351 4.75 9.24 -32.39
C VAL A 351 4.18 8.89 -33.77
N THR A 352 2.90 8.49 -33.79
CA THR A 352 2.13 8.08 -34.96
C THR A 352 2.01 9.20 -36.00
N CYS A 353 1.86 10.46 -35.54
CA CYS A 353 1.68 11.64 -36.38
C CYS A 353 2.28 12.90 -35.71
N ASP A 354 2.28 14.04 -36.44
CA ASP A 354 2.77 15.33 -35.93
C ASP A 354 1.78 15.79 -34.85
N ILE A 355 2.25 15.93 -33.59
CA ILE A 355 1.39 16.30 -32.46
C ILE A 355 1.90 17.46 -31.61
N LYS A 356 0.96 18.13 -30.92
CA LYS A 356 1.23 19.22 -30.00
C LYS A 356 1.11 18.69 -28.57
N PHE A 357 2.24 18.41 -27.92
CA PHE A 357 2.28 17.88 -26.56
C PHE A 357 2.98 18.85 -25.62
N ARG A 358 2.25 19.34 -24.59
CA ARG A 358 2.73 20.29 -23.58
C ARG A 358 3.29 21.58 -24.20
N ASN A 359 2.60 22.09 -25.23
CA ASN A 359 2.95 23.29 -26.00
C ASN A 359 4.24 23.12 -26.83
N TYR A 360 4.58 21.85 -27.16
CA TYR A 360 5.74 21.47 -27.98
C TYR A 360 5.28 20.60 -29.14
N LEU A 361 5.82 20.86 -30.34
CA LEU A 361 5.52 20.12 -31.55
C LEU A 361 6.50 18.95 -31.69
N ILE A 362 5.95 17.73 -31.73
CA ILE A 362 6.72 16.50 -31.88
C ILE A 362 6.34 15.91 -33.25
N PRO A 363 7.24 15.98 -34.25
CA PRO A 363 6.90 15.46 -35.59
C PRO A 363 6.80 13.93 -35.68
N LYS A 364 6.09 13.43 -36.71
CA LYS A 364 5.86 12.01 -36.99
C LYS A 364 7.15 11.18 -37.00
N GLY A 365 7.12 10.05 -36.30
CA GLY A 365 8.22 9.09 -36.22
C GLY A 365 9.31 9.40 -35.20
N THR A 366 9.16 10.48 -34.41
CA THR A 366 10.14 10.85 -33.38
C THR A 366 10.09 9.83 -32.24
N THR A 367 11.26 9.29 -31.87
CA THR A 367 11.41 8.28 -30.81
C THR A 367 11.13 8.89 -29.44
N ILE A 368 10.23 8.24 -28.69
CA ILE A 368 9.80 8.65 -27.36
C ILE A 368 10.33 7.66 -26.32
N LEU A 369 11.07 8.17 -25.32
CA LEU A 369 11.57 7.35 -24.21
C LEU A 369 10.75 7.62 -22.97
N ILE A 370 10.03 6.58 -22.52
CA ILE A 370 9.18 6.65 -21.32
C ILE A 370 10.04 6.29 -20.13
N SER A 371 10.15 7.18 -19.14
CA SER A 371 10.90 6.88 -17.93
C SER A 371 9.96 6.17 -16.95
N LEU A 372 10.02 4.84 -16.91
CA LEU A 372 9.18 4.07 -16.00
C LEU A 372 9.64 4.21 -14.55
N THR A 373 10.94 4.53 -14.34
CA THR A 373 11.59 4.76 -13.05
C THR A 373 10.93 5.94 -12.33
N SER A 374 10.65 7.03 -13.06
CA SER A 374 10.04 8.25 -12.52
C SER A 374 8.64 8.01 -11.95
N VAL A 375 7.95 6.97 -12.46
CA VAL A 375 6.59 6.58 -12.04
C VAL A 375 6.70 5.56 -10.90
N LEU A 376 7.45 4.46 -11.11
CA LEU A 376 7.69 3.36 -10.15
C LEU A 376 8.38 3.84 -8.88
N HIS A 377 9.31 4.82 -9.02
CA HIS A 377 10.07 5.35 -7.89
C HIS A 377 9.67 6.79 -7.52
N ASP A 378 8.37 7.13 -7.70
CA ASP A 378 7.81 8.44 -7.35
C ASP A 378 7.92 8.61 -5.84
N ASN A 379 8.61 9.68 -5.42
CA ASN A 379 8.86 10.01 -4.01
C ASN A 379 7.61 10.25 -3.18
N LYS A 380 6.58 10.87 -3.77
CA LYS A 380 5.32 11.17 -3.07
C LYS A 380 4.41 9.94 -2.97
N GLU A 381 4.25 9.17 -4.06
CA GLU A 381 3.43 7.96 -4.07
C GLU A 381 4.05 6.85 -3.23
N PHE A 382 5.39 6.71 -3.30
CA PHE A 382 6.10 5.69 -2.54
C PHE A 382 7.19 6.33 -1.67
N PRO A 383 6.85 6.80 -0.43
CA PRO A 383 7.88 7.42 0.43
C PRO A 383 9.01 6.42 0.69
N ASN A 384 10.27 6.87 0.47
CA ASN A 384 11.49 6.06 0.49
C ASN A 384 11.37 5.09 -0.70
N PRO A 385 11.41 5.61 -1.96
CA PRO A 385 11.20 4.71 -3.11
C PRO A 385 12.35 3.79 -3.48
N GLU A 386 13.57 4.08 -2.95
CA GLU A 386 14.77 3.27 -3.22
C GLU A 386 14.91 2.12 -2.23
N MET A 387 13.91 1.96 -1.33
CA MET A 387 13.86 0.92 -0.32
C MET A 387 12.76 -0.09 -0.61
N PHE A 388 13.03 -1.38 -0.35
CA PHE A 388 12.07 -2.46 -0.54
C PHE A 388 11.17 -2.51 0.69
N ASP A 389 9.86 -2.27 0.50
CA ASP A 389 8.88 -2.27 1.58
C ASP A 389 7.48 -2.65 1.09
N PRO A 390 6.95 -3.84 1.45
CA PRO A 390 5.59 -4.23 1.01
C PRO A 390 4.48 -3.26 1.40
N HIS A 391 4.72 -2.41 2.42
CA HIS A 391 3.80 -1.37 2.91
C HIS A 391 3.47 -0.32 1.85
N HIS A 392 4.26 -0.26 0.74
CA HIS A 392 4.03 0.62 -0.41
C HIS A 392 2.72 0.22 -1.10
N PHE A 393 2.32 -1.06 -0.95
CA PHE A 393 1.11 -1.63 -1.53
C PHE A 393 0.15 -2.17 -0.44
N LEU A 394 0.26 -1.64 0.78
CA LEU A 394 -0.58 -2.03 1.93
C LEU A 394 -1.11 -0.83 2.66
N ASP A 395 -2.34 -0.95 3.21
CA ASP A 395 -2.92 0.10 4.04
C ASP A 395 -2.61 -0.19 5.51
N GLU A 396 -3.17 0.59 6.45
CA GLU A 396 -2.95 0.43 7.89
C GLU A 396 -3.43 -0.92 8.46
N GLY A 397 -4.41 -1.54 7.81
CA GLY A 397 -4.97 -2.83 8.22
C GLY A 397 -4.38 -4.06 7.55
N GLY A 398 -3.44 -3.83 6.63
CA GLY A 398 -2.78 -4.90 5.89
C GLY A 398 -3.52 -5.35 4.66
N ASN A 399 -4.52 -4.56 4.20
CA ASN A 399 -5.28 -4.84 2.98
C ASN A 399 -4.49 -4.32 1.79
N PHE A 400 -4.66 -4.93 0.60
CA PHE A 400 -3.96 -4.50 -0.60
C PHE A 400 -4.34 -3.07 -1.01
N LYS A 401 -3.30 -2.24 -1.20
CA LYS A 401 -3.42 -0.83 -1.58
C LYS A 401 -2.86 -0.67 -3.00
N LYS A 402 -3.78 -0.55 -3.98
CA LYS A 402 -3.44 -0.40 -5.40
C LYS A 402 -2.85 1.00 -5.68
N SER A 403 -2.14 1.12 -6.80
CA SER A 403 -1.52 2.38 -7.21
C SER A 403 -1.57 2.54 -8.71
N LYS A 404 -1.94 3.74 -9.19
CA LYS A 404 -1.97 4.08 -10.60
C LYS A 404 -0.53 4.28 -11.12
N TYR A 405 0.43 4.35 -10.19
CA TYR A 405 1.87 4.50 -10.42
C TYR A 405 2.55 3.14 -10.63
N PHE A 406 1.82 2.02 -10.42
CA PHE A 406 2.34 0.68 -10.65
C PHE A 406 2.28 0.41 -12.16
N MET A 407 3.39 0.72 -12.85
CA MET A 407 3.55 0.59 -14.30
C MET A 407 4.79 -0.27 -14.70
N PRO A 408 5.05 -1.48 -14.15
CA PRO A 408 6.25 -2.22 -14.59
C PRO A 408 6.12 -2.83 -15.98
N PHE A 409 4.88 -2.98 -16.47
CA PHE A 409 4.51 -3.51 -17.78
C PHE A 409 4.19 -2.35 -18.73
N SER A 410 4.46 -1.10 -18.28
CA SER A 410 4.17 0.18 -18.93
C SER A 410 2.65 0.44 -18.93
N ALA A 411 2.16 1.32 -19.83
CA ALA A 411 0.73 1.67 -19.91
C ALA A 411 0.31 2.02 -21.34
N GLY A 412 -1.00 2.15 -21.55
CA GLY A 412 -1.58 2.52 -22.82
C GLY A 412 -1.77 1.40 -23.82
N LYS A 413 -1.69 1.75 -25.12
CA LYS A 413 -1.89 0.86 -26.25
C LYS A 413 -0.78 -0.19 -26.42
N ARG A 414 0.46 0.14 -25.99
CA ARG A 414 1.61 -0.76 -26.10
C ARG A 414 1.90 -1.56 -24.82
N ILE A 415 0.99 -1.50 -23.81
CA ILE A 415 1.13 -2.22 -22.54
C ILE A 415 1.45 -3.72 -22.80
N CYS A 416 2.32 -4.30 -21.96
CA CYS A 416 2.75 -5.69 -22.04
C CYS A 416 1.60 -6.65 -22.35
N VAL A 417 1.76 -7.44 -23.42
CA VAL A 417 0.79 -8.43 -23.89
C VAL A 417 0.71 -9.59 -22.87
N GLY A 418 1.84 -9.88 -22.23
CA GLY A 418 1.96 -10.93 -21.22
C GLY A 418 1.78 -10.45 -19.78
N GLU A 419 1.09 -9.31 -19.57
CA GLU A 419 0.83 -8.72 -18.25
C GLU A 419 0.09 -9.70 -17.32
N ALA A 420 -1.03 -10.28 -17.78
CA ALA A 420 -1.83 -11.24 -17.03
C ALA A 420 -1.08 -12.55 -16.81
N LEU A 421 -0.32 -12.99 -17.83
CA LEU A 421 0.50 -14.20 -17.80
C LEU A 421 1.64 -14.10 -16.78
N ALA A 422 2.40 -12.98 -16.81
CA ALA A 422 3.51 -12.72 -15.89
C ALA A 422 3.01 -12.64 -14.44
N GLY A 423 1.84 -12.02 -14.24
CA GLY A 423 1.18 -11.91 -12.95
C GLY A 423 0.84 -13.27 -12.37
N MET A 424 0.34 -14.18 -13.23
CA MET A 424 0.01 -15.56 -12.88
C MET A 424 1.29 -16.30 -12.50
N GLU A 425 2.33 -16.21 -13.35
CA GLU A 425 3.63 -16.85 -13.15
C GLU A 425 4.31 -16.40 -11.87
N LEU A 426 4.38 -15.07 -11.64
CA LEU A 426 5.00 -14.52 -10.44
C LEU A 426 4.27 -14.96 -9.16
N PHE A 427 2.93 -14.87 -9.13
CA PHE A 427 2.14 -15.29 -7.98
C PHE A 427 2.21 -16.80 -7.73
N LEU A 428 1.92 -17.62 -8.75
CA LEU A 428 1.91 -19.08 -8.61
C LEU A 428 3.27 -19.70 -8.34
N PHE A 429 4.36 -19.21 -8.98
CA PHE A 429 5.70 -19.75 -8.75
C PHE A 429 6.23 -19.40 -7.36
N LEU A 430 6.10 -18.13 -6.93
CA LEU A 430 6.57 -17.69 -5.62
C LEU A 430 5.83 -18.33 -4.45
N THR A 431 4.49 -18.46 -4.54
CA THR A 431 3.68 -19.12 -3.51
C THR A 431 4.02 -20.60 -3.42
N SER A 432 4.25 -21.26 -4.58
CA SER A 432 4.62 -22.69 -4.66
C SER A 432 5.98 -22.96 -4.03
N ILE A 433 6.96 -22.06 -4.28
CA ILE A 433 8.31 -22.16 -3.71
C ILE A 433 8.24 -22.04 -2.19
N LEU A 434 7.59 -20.96 -1.69
CA LEU A 434 7.47 -20.68 -0.26
C LEU A 434 6.52 -21.60 0.51
N GLN A 435 5.66 -22.36 -0.19
CA GLN A 435 4.75 -23.34 0.41
C GLN A 435 5.55 -24.60 0.75
N ASN A 436 6.51 -24.94 -0.13
CA ASN A 436 7.33 -26.15 -0.04
C ASN A 436 8.73 -25.95 0.53
N PHE A 437 9.28 -24.73 0.43
CA PHE A 437 10.65 -24.46 0.87
C PHE A 437 10.84 -23.21 1.71
N ASN A 438 11.88 -23.24 2.55
CA ASN A 438 12.37 -22.15 3.39
C ASN A 438 13.68 -21.71 2.75
N LEU A 439 13.87 -20.40 2.53
CA LEU A 439 15.06 -19.87 1.88
C LEU A 439 16.18 -19.59 2.89
N LYS A 440 17.35 -20.22 2.69
CA LYS A 440 18.53 -20.06 3.56
C LYS A 440 19.70 -19.51 2.77
N SER A 441 20.34 -18.45 3.29
CA SER A 441 21.50 -17.83 2.68
C SER A 441 22.78 -18.21 3.42
N LEU A 442 23.82 -18.57 2.66
CA LEU A 442 25.14 -18.94 3.16
C LEU A 442 25.96 -17.72 3.58
N VAL A 443 25.65 -16.55 2.99
CA VAL A 443 26.32 -15.28 3.22
C VAL A 443 25.80 -14.47 4.43
N ASP A 444 24.53 -14.71 4.85
CA ASP A 444 23.80 -14.04 5.95
C ASP A 444 23.06 -12.78 5.45
N PRO A 445 21.81 -12.48 5.94
CA PRO A 445 21.05 -11.33 5.42
C PRO A 445 21.72 -9.96 5.41
N LYS A 446 22.55 -9.66 6.43
CA LYS A 446 23.25 -8.37 6.54
C LYS A 446 24.35 -8.18 5.48
N ASN A 447 25.09 -9.25 5.14
CA ASN A 447 26.19 -9.21 4.17
C ASN A 447 25.78 -9.03 2.71
N LEU A 448 24.69 -9.68 2.26
CA LEU A 448 24.24 -9.60 0.86
C LEU A 448 23.67 -8.24 0.44
N ASP A 449 24.06 -7.80 -0.78
CA ASP A 449 23.65 -6.54 -1.40
C ASP A 449 22.49 -6.78 -2.36
N THR A 450 21.44 -5.94 -2.29
CA THR A 450 20.25 -6.05 -3.13
C THR A 450 20.05 -4.87 -4.10
N THR A 451 20.97 -3.90 -4.11
CA THR A 451 20.90 -2.72 -5.00
C THR A 451 20.98 -3.12 -6.48
N PRO A 452 20.04 -2.62 -7.33
CA PRO A 452 20.04 -3.02 -8.75
C PRO A 452 21.29 -2.69 -9.54
N VAL A 453 21.71 -3.64 -10.39
CA VAL A 453 22.88 -3.51 -11.25
C VAL A 453 22.37 -3.11 -12.65
N VAL A 454 22.27 -1.79 -12.89
CA VAL A 454 21.80 -1.21 -14.16
C VAL A 454 22.95 -1.16 -15.16
N ASN A 455 22.90 -2.02 -16.18
CA ASN A 455 23.90 -2.11 -17.25
C ASN A 455 23.21 -2.03 -18.62
N GLY A 456 22.93 -0.80 -19.04
CA GLY A 456 22.28 -0.51 -20.31
C GLY A 456 20.84 -0.07 -20.13
N PHE A 457 19.90 -0.96 -20.47
CA PHE A 457 18.46 -0.68 -20.35
C PHE A 457 17.66 -1.78 -19.61
N ALA A 458 18.34 -2.53 -18.72
CA ALA A 458 17.72 -3.59 -17.91
C ALA A 458 18.38 -3.71 -16.53
N SER A 459 17.55 -3.79 -15.48
CA SER A 459 18.00 -3.93 -14.10
C SER A 459 18.06 -5.41 -13.72
N VAL A 460 19.26 -5.91 -13.44
CA VAL A 460 19.51 -7.32 -13.10
C VAL A 460 20.07 -7.47 -11.67
N PRO A 461 19.70 -8.53 -10.92
CA PRO A 461 20.25 -8.67 -9.55
C PRO A 461 21.70 -9.15 -9.54
N PRO A 462 22.49 -8.87 -8.47
CA PRO A 462 23.86 -9.41 -8.43
C PRO A 462 23.84 -10.92 -8.16
N PHE A 463 24.97 -11.61 -8.42
CA PHE A 463 25.06 -13.06 -8.20
C PHE A 463 24.85 -13.41 -6.73
N TYR A 464 24.05 -14.46 -6.49
CA TYR A 464 23.76 -14.97 -5.15
C TYR A 464 23.49 -16.48 -5.19
N GLN A 465 23.69 -17.14 -4.05
CA GLN A 465 23.42 -18.58 -3.87
C GLN A 465 22.54 -18.78 -2.66
N LEU A 466 21.66 -19.80 -2.72
CA LEU A 466 20.74 -20.12 -1.63
C LEU A 466 20.36 -21.60 -1.53
N CYS A 467 19.92 -22.03 -0.34
CA CYS A 467 19.50 -23.41 -0.07
C CYS A 467 17.99 -23.48 0.05
N PHE A 468 17.38 -24.43 -0.70
CA PHE A 468 15.94 -24.65 -0.68
C PHE A 468 15.65 -25.81 0.29
N ILE A 469 15.42 -25.48 1.57
CA ILE A 469 15.14 -26.45 2.62
C ILE A 469 13.65 -26.76 2.68
N PRO A 470 13.24 -28.05 2.50
CA PRO A 470 11.81 -28.40 2.57
C PRO A 470 11.22 -28.13 3.96
N VAL A 471 10.03 -27.51 3.99
CA VAL A 471 9.30 -27.13 5.21
C VAL A 471 9.01 -28.31 6.16
N LYS B 8 18.38 30.19 19.20
CA LYS B 8 18.68 30.65 20.56
C LYS B 8 18.46 29.52 21.60
N GLY B 9 17.95 29.87 22.79
CA GLY B 9 17.68 28.91 23.85
C GLY B 9 16.32 28.29 23.69
N ARG B 10 15.44 28.48 24.70
CA ARG B 10 14.06 27.97 24.70
C ARG B 10 13.23 28.71 23.62
N PRO B 11 12.22 28.03 23.01
CA PRO B 11 11.42 28.72 21.97
C PRO B 11 10.67 29.96 22.50
N PRO B 12 10.40 30.97 21.64
CA PRO B 12 9.71 32.18 22.12
C PRO B 12 8.23 31.95 22.38
N GLY B 13 7.59 32.87 23.09
CA GLY B 13 6.17 32.79 23.41
C GLY B 13 5.66 34.00 24.19
N PRO B 14 4.34 34.05 24.52
CA PRO B 14 3.84 35.19 25.28
C PRO B 14 4.37 35.18 26.72
N THR B 15 4.68 36.37 27.25
CA THR B 15 5.21 36.55 28.61
C THR B 15 4.21 36.00 29.65
N PRO B 16 4.59 34.94 30.42
CA PRO B 16 3.65 34.38 31.40
C PRO B 16 3.46 35.27 32.62
N LEU B 17 2.24 35.24 33.19
CA LEU B 17 1.90 35.99 34.38
C LEU B 17 2.29 35.24 35.67
N PRO B 18 2.69 35.96 36.76
CA PRO B 18 3.16 35.29 38.00
C PRO B 18 2.80 33.85 38.35
N VAL B 19 1.50 33.53 38.55
CA VAL B 19 1.05 32.19 38.94
C VAL B 19 0.13 31.53 37.89
N ILE B 20 -0.73 32.32 37.24
CA ILE B 20 -1.70 31.87 36.24
C ILE B 20 -1.07 31.47 34.89
N GLY B 21 0.13 31.98 34.60
CA GLY B 21 0.87 31.68 33.38
C GLY B 21 0.32 32.39 32.15
N ASN B 22 -0.05 31.59 31.13
CA ASN B 22 -0.59 32.11 29.86
C ASN B 22 -2.09 31.80 29.64
N ILE B 23 -2.82 31.40 30.71
CA ILE B 23 -4.26 31.08 30.68
C ILE B 23 -5.13 32.19 30.04
N LEU B 24 -4.76 33.46 30.26
CA LEU B 24 -5.45 34.64 29.73
C LEU B 24 -5.37 34.78 28.22
N GLN B 25 -4.32 34.25 27.58
CA GLN B 25 -4.14 34.28 26.13
C GLN B 25 -4.57 32.99 25.42
N ILE B 26 -4.49 31.84 26.12
CA ILE B 26 -4.90 30.53 25.57
C ILE B 26 -6.44 30.45 25.60
N GLY B 27 -7.02 30.77 26.75
CA GLY B 27 -8.46 30.73 26.96
C GLY B 27 -8.91 29.41 27.55
N ILE B 28 -10.20 29.08 27.36
CA ILE B 28 -10.81 27.86 27.87
C ILE B 28 -11.82 27.25 26.87
N LYS B 29 -12.25 28.05 25.87
CA LYS B 29 -13.18 27.62 24.81
C LYS B 29 -12.40 26.85 23.74
N ASP B 30 -12.27 27.46 22.52
CA ASP B 30 -11.56 26.90 21.39
C ASP B 30 -10.06 27.24 21.51
N ILE B 31 -9.31 26.40 22.22
CA ILE B 31 -7.87 26.59 22.44
C ILE B 31 -7.06 26.39 21.17
N SER B 32 -7.60 25.58 20.22
CA SER B 32 -6.99 25.26 18.94
C SER B 32 -6.86 26.52 18.05
N LYS B 33 -7.88 27.41 18.09
CA LYS B 33 -7.90 28.66 17.34
C LYS B 33 -6.87 29.64 17.91
N SER B 34 -6.68 29.65 19.24
CA SER B 34 -5.72 30.51 19.92
C SER B 34 -4.27 30.09 19.64
N LEU B 35 -4.03 28.77 19.46
CA LEU B 35 -2.71 28.21 19.12
C LEU B 35 -2.31 28.65 17.71
N THR B 36 -3.29 28.68 16.78
CA THR B 36 -3.11 29.12 15.40
C THR B 36 -2.79 30.62 15.38
N ASN B 37 -3.47 31.40 16.25
CA ASN B 37 -3.26 32.84 16.40
C ASN B 37 -1.87 33.12 16.96
N LEU B 38 -1.45 32.35 17.98
CA LEU B 38 -0.12 32.47 18.60
C LEU B 38 1.00 32.09 17.63
N SER B 39 0.74 31.15 16.70
CA SER B 39 1.70 30.72 15.69
C SER B 39 1.96 31.80 14.63
N LYS B 40 0.99 32.71 14.41
CA LYS B 40 1.12 33.82 13.46
C LYS B 40 2.15 34.85 13.97
N VAL B 41 2.27 34.96 15.30
CA VAL B 41 3.18 35.88 15.97
C VAL B 41 4.50 35.25 16.40
N TYR B 42 4.46 34.04 16.98
CA TYR B 42 5.66 33.37 17.50
C TYR B 42 6.34 32.32 16.60
N GLY B 43 5.62 31.84 15.58
CA GLY B 43 6.14 30.86 14.65
C GLY B 43 5.62 29.45 14.87
N PRO B 44 6.18 28.45 14.15
CA PRO B 44 5.68 27.07 14.30
C PRO B 44 6.03 26.39 15.61
N VAL B 45 7.11 26.84 16.28
CA VAL B 45 7.60 26.29 17.55
C VAL B 45 7.55 27.38 18.62
N PHE B 46 6.59 27.29 19.56
CA PHE B 46 6.43 28.29 20.61
C PHE B 46 6.19 27.73 22.02
N THR B 47 6.56 28.51 23.06
CA THR B 47 6.44 28.13 24.47
C THR B 47 5.22 28.79 25.14
N LEU B 48 4.44 27.97 25.85
CA LEU B 48 3.27 28.41 26.63
C LEU B 48 3.41 27.93 28.07
N TYR B 49 2.81 28.66 29.01
CA TYR B 49 2.85 28.29 30.42
C TYR B 49 1.46 28.00 30.94
N PHE B 50 1.22 26.74 31.29
CA PHE B 50 -0.03 26.29 31.88
C PHE B 50 0.25 26.26 33.37
N GLY B 51 0.14 27.44 33.98
CA GLY B 51 0.48 27.67 35.37
C GLY B 51 1.97 27.93 35.46
N LEU B 52 2.73 26.95 35.98
CA LEU B 52 4.19 27.03 36.08
C LEU B 52 4.84 26.03 35.12
N LYS B 53 4.04 25.11 34.57
CA LYS B 53 4.46 24.07 33.64
C LYS B 53 4.77 24.63 32.24
N PRO B 54 6.02 24.50 31.74
CA PRO B 54 6.31 24.99 30.38
C PRO B 54 5.91 23.97 29.32
N ILE B 55 5.26 24.43 28.24
CA ILE B 55 4.79 23.59 27.14
C ILE B 55 5.24 24.13 25.79
N VAL B 56 5.91 23.28 25.00
CA VAL B 56 6.37 23.63 23.65
C VAL B 56 5.30 23.15 22.67
N VAL B 57 4.72 24.09 21.91
CA VAL B 57 3.66 23.81 20.93
C VAL B 57 4.24 23.73 19.52
N LEU B 58 3.85 22.69 18.76
CA LEU B 58 4.27 22.50 17.38
C LEU B 58 3.08 22.71 16.46
N HIS B 59 3.18 23.71 15.57
CA HIS B 59 2.12 24.09 14.65
C HIS B 59 2.56 23.94 13.20
N GLY B 60 1.68 23.37 12.38
CA GLY B 60 1.92 23.13 10.96
C GLY B 60 2.58 21.80 10.69
N TYR B 61 2.36 21.25 9.48
CA TYR B 61 2.90 19.96 9.06
C TYR B 61 4.42 19.82 9.18
N GLU B 62 5.18 20.81 8.68
CA GLU B 62 6.66 20.78 8.68
C GLU B 62 7.30 20.58 10.06
N ALA B 63 6.84 21.32 11.08
CA ALA B 63 7.35 21.22 12.45
C ALA B 63 6.90 19.91 13.11
N VAL B 64 5.65 19.48 12.86
CA VAL B 64 5.05 18.25 13.39
C VAL B 64 5.74 17.01 12.80
N LYS B 65 5.95 16.97 11.47
CA LYS B 65 6.61 15.89 10.74
C LYS B 65 8.08 15.72 11.15
N GLU B 66 8.82 16.85 11.29
CA GLU B 66 10.24 16.86 11.67
C GLU B 66 10.46 16.32 13.08
N ALA B 67 9.49 16.57 13.98
CA ALA B 67 9.56 16.11 15.37
C ALA B 67 9.02 14.70 15.56
N LEU B 68 7.82 14.40 15.03
CA LEU B 68 7.20 13.09 15.19
C LEU B 68 7.79 11.98 14.32
N ILE B 69 8.31 12.32 13.13
CA ILE B 69 8.89 11.32 12.22
C ILE B 69 10.42 11.34 12.21
N ASP B 70 11.04 12.47 11.81
CA ASP B 70 12.50 12.61 11.72
C ASP B 70 13.23 12.45 13.07
N LEU B 71 12.66 13.03 14.15
CA LEU B 71 13.22 12.92 15.50
C LEU B 71 12.23 12.12 16.38
N GLY B 72 11.60 11.12 15.76
CA GLY B 72 10.59 10.22 16.34
C GLY B 72 10.88 9.65 17.70
N GLU B 73 12.10 9.16 17.92
CA GLU B 73 12.54 8.57 19.19
C GLU B 73 12.57 9.61 20.32
N GLU B 74 13.03 10.83 20.01
CA GLU B 74 13.14 11.95 20.95
C GLU B 74 11.78 12.47 21.39
N PHE B 75 10.78 12.44 20.49
CA PHE B 75 9.43 12.91 20.75
C PHE B 75 8.43 11.75 21.04
N SER B 76 8.95 10.56 21.37
CA SER B 76 8.15 9.36 21.66
C SER B 76 7.60 9.30 23.10
N GLY B 77 8.04 10.21 23.96
CA GLY B 77 7.60 10.26 25.35
C GLY B 77 6.19 10.81 25.50
N ARG B 78 5.51 10.41 26.59
CA ARG B 78 4.16 10.86 26.91
C ARG B 78 4.22 11.88 28.04
N GLY B 79 3.59 13.03 27.79
CA GLY B 79 3.50 14.11 28.76
C GLY B 79 2.38 13.83 29.75
N ILE B 80 2.73 13.71 31.04
CA ILE B 80 1.74 13.43 32.08
C ILE B 80 1.27 14.72 32.74
N PHE B 81 -0.03 15.03 32.59
CA PHE B 81 -0.65 16.21 33.17
C PHE B 81 -1.09 15.97 34.63
N PRO B 82 -1.16 17.02 35.50
CA PRO B 82 -1.51 16.81 36.91
C PRO B 82 -2.72 15.92 37.22
N LEU B 83 -3.85 16.11 36.49
CA LEU B 83 -5.07 15.32 36.68
C LEU B 83 -4.85 13.85 36.31
N ALA B 84 -4.20 13.59 35.14
CA ALA B 84 -3.90 12.26 34.63
C ALA B 84 -2.99 11.47 35.57
N GLU B 85 -2.03 12.16 36.22
CA GLU B 85 -1.07 11.61 37.17
C GLU B 85 -1.78 11.08 38.43
N ARG B 86 -2.72 11.86 38.98
CA ARG B 86 -3.47 11.55 40.20
C ARG B 86 -4.68 10.62 39.99
N ALA B 87 -5.21 10.54 38.76
CA ALA B 87 -6.36 9.70 38.42
C ALA B 87 -5.96 8.28 37.97
N ASN B 88 -4.65 8.05 37.71
CA ASN B 88 -4.14 6.76 37.25
C ASN B 88 -3.25 6.05 38.28
N ARG B 89 -3.74 4.92 38.82
CA ARG B 89 -3.00 4.07 39.76
C ARG B 89 -2.35 2.98 38.90
N GLY B 90 -1.09 3.19 38.54
CA GLY B 90 -0.35 2.29 37.68
C GLY B 90 -0.60 2.61 36.22
N PHE B 91 0.42 2.43 35.38
CA PHE B 91 0.32 2.72 33.95
C PHE B 91 0.19 1.48 33.08
N GLY B 92 -0.45 1.65 31.92
CA GLY B 92 -0.66 0.58 30.95
C GLY B 92 0.06 0.83 29.65
N ILE B 93 -0.60 1.53 28.73
CA ILE B 93 -0.05 1.85 27.41
C ILE B 93 -0.08 3.36 27.12
N VAL B 94 -1.21 4.03 27.41
CA VAL B 94 -1.45 5.45 27.16
C VAL B 94 -0.47 6.36 27.93
N PHE B 95 -0.32 6.16 29.25
CA PHE B 95 0.55 6.98 30.08
C PHE B 95 1.90 6.38 30.49
N SER B 96 2.26 5.22 29.90
CA SER B 96 3.54 4.56 30.16
C SER B 96 4.69 5.27 29.42
N ASN B 97 5.93 5.07 29.88
CA ASN B 97 7.14 5.65 29.30
C ASN B 97 8.33 4.69 29.42
N GLY B 98 9.31 4.87 28.53
CA GLY B 98 10.53 4.07 28.49
C GLY B 98 10.32 2.62 28.14
N LYS B 99 11.07 1.71 28.81
CA LYS B 99 11.03 0.26 28.61
C LYS B 99 9.62 -0.34 28.76
N LYS B 100 8.86 0.13 29.77
CA LYS B 100 7.49 -0.32 30.06
C LYS B 100 6.56 -0.07 28.86
N TRP B 101 6.62 1.14 28.25
CA TRP B 101 5.81 1.51 27.09
C TRP B 101 6.21 0.71 25.85
N LYS B 102 7.52 0.65 25.53
CA LYS B 102 8.09 -0.06 24.38
C LYS B 102 7.64 -1.52 24.30
N GLU B 103 7.72 -2.25 25.43
CA GLU B 103 7.34 -3.66 25.52
C GLU B 103 5.84 -3.91 25.44
N ILE B 104 5.05 -3.13 26.20
CA ILE B 104 3.58 -3.25 26.22
C ILE B 104 2.95 -2.81 24.87
N ARG B 105 3.48 -1.73 24.25
CA ARG B 105 2.99 -1.25 22.96
C ARG B 105 3.29 -2.23 21.82
N ARG B 106 4.53 -2.79 21.80
CA ARG B 106 4.97 -3.77 20.80
C ARG B 106 4.10 -5.02 20.89
N PHE B 107 3.81 -5.49 22.12
CA PHE B 107 2.95 -6.64 22.39
C PHE B 107 1.52 -6.39 21.93
N SER B 108 0.95 -5.21 22.30
CA SER B 108 -0.42 -4.81 21.95
C SER B 108 -0.61 -4.72 20.45
N LEU B 109 0.38 -4.18 19.71
CA LEU B 109 0.35 -4.08 18.25
C LEU B 109 0.41 -5.45 17.58
N MET B 110 1.16 -6.40 18.18
CA MET B 110 1.29 -7.78 17.68
C MET B 110 -0.03 -8.54 17.87
N THR B 111 -0.70 -8.32 19.01
CA THR B 111 -1.99 -8.96 19.32
C THR B 111 -3.12 -8.34 18.51
N LEU B 112 -3.06 -7.01 18.27
CA LEU B 112 -4.08 -6.30 17.50
C LEU B 112 -4.00 -6.46 15.97
N ARG B 113 -3.07 -7.31 15.48
CA ARG B 113 -2.97 -7.65 14.06
C ARG B 113 -4.21 -8.47 13.72
N ASN B 114 -4.74 -8.35 12.48
CA ASN B 114 -5.95 -9.05 12.05
C ASN B 114 -6.00 -10.53 12.48
N PHE B 115 -4.89 -11.27 12.34
CA PHE B 115 -4.81 -12.68 12.73
C PHE B 115 -3.83 -12.91 13.91
N GLY B 116 -3.65 -11.88 14.74
CA GLY B 116 -2.75 -11.89 15.89
C GLY B 116 -3.25 -12.56 17.17
N MET B 117 -4.50 -13.06 17.16
CA MET B 117 -5.09 -13.74 18.33
C MET B 117 -5.98 -14.97 18.02
N GLY B 118 -5.38 -15.95 17.35
CA GLY B 118 -6.04 -17.20 17.01
C GLY B 118 -6.64 -17.31 15.62
N LYS B 119 -7.54 -18.30 15.43
CA LYS B 119 -8.23 -18.60 14.17
C LYS B 119 -9.18 -17.47 13.75
N ARG B 120 -9.94 -16.92 14.72
CA ARG B 120 -10.90 -15.84 14.50
C ARG B 120 -10.17 -14.51 14.33
N SER B 121 -10.38 -13.86 13.19
CA SER B 121 -9.75 -12.58 12.88
C SER B 121 -10.46 -11.41 13.57
N ILE B 122 -9.80 -10.25 13.61
CA ILE B 122 -10.35 -9.00 14.17
C ILE B 122 -11.52 -8.59 13.27
N GLU B 123 -11.37 -8.75 11.94
CA GLU B 123 -12.40 -8.43 10.95
C GLU B 123 -13.68 -9.23 11.20
N ASP B 124 -13.57 -10.55 11.48
CA ASP B 124 -14.71 -11.42 11.79
C ASP B 124 -15.50 -10.89 13.00
N ARG B 125 -14.77 -10.38 14.02
CA ARG B 125 -15.34 -9.80 15.25
C ARG B 125 -16.07 -8.48 14.95
N VAL B 126 -15.49 -7.64 14.07
CA VAL B 126 -16.06 -6.35 13.66
C VAL B 126 -17.28 -6.57 12.73
N GLN B 127 -17.19 -7.54 11.79
CA GLN B 127 -18.28 -7.89 10.87
C GLN B 127 -19.50 -8.44 11.64
N GLU B 128 -19.26 -9.19 12.73
CA GLU B 128 -20.32 -9.73 13.59
C GLU B 128 -21.03 -8.60 14.32
N GLU B 129 -20.25 -7.61 14.83
CA GLU B 129 -20.75 -6.44 15.53
C GLU B 129 -21.55 -5.51 14.60
N ALA B 130 -21.11 -5.40 13.33
CA ALA B 130 -21.78 -4.60 12.30
C ALA B 130 -23.16 -5.18 12.02
N ARG B 131 -23.26 -6.53 11.99
CA ARG B 131 -24.50 -7.29 11.77
C ARG B 131 -25.46 -7.05 12.95
N CYS B 132 -24.94 -7.10 14.19
CA CYS B 132 -25.69 -6.88 15.44
C CYS B 132 -26.15 -5.42 15.57
N LEU B 133 -25.33 -4.48 15.06
CA LEU B 133 -25.62 -3.03 15.07
C LEU B 133 -26.85 -2.76 14.18
N VAL B 134 -26.89 -3.38 12.98
CA VAL B 134 -27.98 -3.28 12.01
C VAL B 134 -29.28 -3.82 12.64
N GLU B 135 -29.19 -4.98 13.34
CA GLU B 135 -30.30 -5.63 14.05
C GLU B 135 -30.87 -4.69 15.12
N GLU B 136 -29.98 -3.99 15.86
CA GLU B 136 -30.36 -3.04 16.90
C GLU B 136 -30.98 -1.76 16.36
N LEU B 137 -30.53 -1.30 15.17
CA LEU B 137 -31.07 -0.11 14.52
C LEU B 137 -32.43 -0.43 13.88
N ARG B 138 -32.67 -1.73 13.59
CA ARG B 138 -33.92 -2.23 13.05
C ARG B 138 -35.00 -2.19 14.14
N LYS B 139 -34.59 -2.34 15.42
CA LYS B 139 -35.48 -2.31 16.59
C LYS B 139 -36.07 -0.91 16.86
N THR B 140 -35.48 0.15 16.27
CA THR B 140 -35.94 1.53 16.43
C THR B 140 -37.23 1.76 15.65
N LYS B 141 -37.53 0.87 14.67
CA LYS B 141 -38.73 0.89 13.83
C LYS B 141 -38.94 2.17 13.02
N ALA B 142 -37.83 2.72 12.46
CA ALA B 142 -37.78 3.95 11.64
C ALA B 142 -38.38 5.18 12.35
N SER B 143 -38.37 5.17 13.70
CA SER B 143 -38.89 6.24 14.54
C SER B 143 -37.75 7.15 15.03
N PRO B 144 -38.03 8.44 15.36
CA PRO B 144 -36.94 9.34 15.81
C PRO B 144 -36.14 8.81 17.00
N CYS B 145 -34.80 8.89 16.91
CA CYS B 145 -33.90 8.42 17.97
C CYS B 145 -32.58 9.17 18.04
N ASP B 146 -31.99 9.20 19.24
CA ASP B 146 -30.66 9.76 19.51
C ASP B 146 -29.72 8.56 19.34
N PRO B 147 -28.83 8.56 18.33
CA PRO B 147 -27.97 7.38 18.10
C PRO B 147 -26.81 7.18 19.08
N THR B 148 -26.61 8.13 20.02
CA THR B 148 -25.54 8.14 21.03
C THR B 148 -25.33 6.79 21.73
N PHE B 149 -26.43 6.16 22.21
CA PHE B 149 -26.34 4.88 22.91
C PHE B 149 -25.97 3.70 21.99
N ILE B 150 -26.72 3.50 20.89
CA ILE B 150 -26.49 2.40 19.94
C ILE B 150 -25.09 2.46 19.31
N LEU B 151 -24.66 3.67 18.88
CA LEU B 151 -23.33 3.87 18.29
C LEU B 151 -22.20 3.80 19.32
N GLY B 152 -22.54 3.81 20.60
CA GLY B 152 -21.60 3.67 21.70
C GLY B 152 -21.35 2.22 22.06
N CYS B 153 -22.39 1.38 21.93
CA CYS B 153 -22.37 -0.06 22.22
C CYS B 153 -21.43 -0.83 21.31
N ALA B 154 -21.53 -0.61 19.99
CA ALA B 154 -20.72 -1.29 18.96
C ALA B 154 -19.20 -1.19 19.17
N PRO B 155 -18.56 0.01 19.38
CA PRO B 155 -17.11 0.04 19.62
C PRO B 155 -16.68 -0.59 20.94
N CYS B 156 -17.53 -0.50 21.98
CA CYS B 156 -17.26 -1.09 23.31
C CYS B 156 -17.27 -2.62 23.22
N ASN B 157 -18.26 -3.17 22.50
CA ASN B 157 -18.43 -4.62 22.27
C ASN B 157 -17.29 -5.21 21.43
N VAL B 158 -16.72 -4.40 20.51
CA VAL B 158 -15.59 -4.80 19.67
C VAL B 158 -14.36 -5.05 20.58
N ILE B 159 -14.13 -4.15 21.55
CA ILE B 159 -13.04 -4.27 22.53
C ILE B 159 -13.31 -5.46 23.46
N CYS B 160 -14.59 -5.68 23.85
CA CYS B 160 -15.01 -6.81 24.68
C CYS B 160 -14.64 -8.14 24.01
N SER B 161 -14.89 -8.24 22.69
CA SER B 161 -14.59 -9.39 21.85
C SER B 161 -13.08 -9.61 21.73
N ILE B 162 -12.31 -8.51 21.63
CA ILE B 162 -10.84 -8.53 21.53
C ILE B 162 -10.19 -8.92 22.86
N ILE B 163 -10.65 -8.33 23.98
CA ILE B 163 -10.11 -8.57 25.32
C ILE B 163 -10.60 -9.86 25.97
N PHE B 164 -11.92 -9.98 26.23
CA PHE B 164 -12.51 -11.11 26.95
C PHE B 164 -12.91 -12.32 26.11
N HIS B 165 -13.05 -12.13 24.78
CA HIS B 165 -13.53 -13.13 23.81
C HIS B 165 -15.04 -13.22 23.95
N LYS B 166 -15.75 -13.01 22.82
CA LYS B 166 -17.22 -12.97 22.71
C LYS B 166 -17.80 -11.65 23.23
N ARG B 167 -18.77 -11.12 22.49
CA ARG B 167 -19.49 -9.88 22.73
C ARG B 167 -20.69 -10.09 23.70
N PHE B 168 -21.34 -8.98 24.10
CA PHE B 168 -22.52 -9.00 24.98
C PHE B 168 -23.72 -8.41 24.25
N ASP B 169 -24.94 -8.69 24.75
CA ASP B 169 -26.18 -8.13 24.21
C ASP B 169 -26.23 -6.68 24.67
N TYR B 170 -26.82 -5.78 23.85
CA TYR B 170 -26.93 -4.34 24.13
C TYR B 170 -27.66 -4.00 25.45
N LYS B 171 -28.31 -5.00 26.06
CA LYS B 171 -29.04 -4.86 27.32
C LYS B 171 -28.50 -5.71 28.49
N ASP B 172 -27.35 -6.41 28.28
CA ASP B 172 -26.67 -7.21 29.30
C ASP B 172 -26.14 -6.26 30.39
N GLN B 173 -26.47 -6.56 31.66
CA GLN B 173 -26.13 -5.73 32.82
C GLN B 173 -24.64 -5.39 32.98
N GLN B 174 -23.75 -6.40 32.90
CA GLN B 174 -22.29 -6.19 33.03
C GLN B 174 -21.73 -5.28 31.93
N PHE B 175 -22.32 -5.34 30.73
CA PHE B 175 -21.96 -4.52 29.58
C PHE B 175 -22.45 -3.09 29.78
N LEU B 176 -23.65 -2.92 30.35
CA LEU B 176 -24.24 -1.61 30.64
C LEU B 176 -23.46 -0.89 31.74
N ASN B 177 -23.02 -1.63 32.78
CA ASN B 177 -22.22 -1.09 33.88
C ASN B 177 -20.88 -0.59 33.38
N LEU B 178 -20.22 -1.38 32.50
CA LEU B 178 -18.93 -1.06 31.89
C LEU B 178 -19.03 0.23 31.06
N MET B 179 -20.11 0.36 30.26
CA MET B 179 -20.37 1.53 29.43
C MET B 179 -20.70 2.77 30.26
N GLU B 180 -21.39 2.58 31.40
CA GLU B 180 -21.77 3.65 32.33
C GLU B 180 -20.51 4.29 32.94
N LYS B 181 -19.52 3.46 33.33
CA LYS B 181 -18.25 3.91 33.91
C LYS B 181 -17.39 4.62 32.87
N LEU B 182 -17.40 4.13 31.61
CA LEU B 182 -16.65 4.73 30.50
C LEU B 182 -17.25 6.09 30.13
N ASN B 183 -18.60 6.17 30.10
CA ASN B 183 -19.33 7.41 29.80
C ASN B 183 -19.16 8.45 30.90
N GLU B 184 -19.15 8.00 32.18
CA GLU B 184 -18.95 8.86 33.34
C GLU B 184 -17.55 9.49 33.31
N ASN B 185 -16.52 8.67 33.08
CA ASN B 185 -15.11 9.08 32.99
C ASN B 185 -14.87 10.06 31.86
N ILE B 186 -15.55 9.86 30.71
CA ILE B 186 -15.42 10.74 29.56
C ILE B 186 -16.14 12.09 29.78
N GLU B 187 -17.22 12.09 30.59
CA GLU B 187 -17.98 13.30 30.95
C GLU B 187 -17.15 14.20 31.86
N ILE B 188 -16.32 13.58 32.74
CA ILE B 188 -15.43 14.27 33.68
C ILE B 188 -14.27 14.92 32.89
N LEU B 189 -13.64 14.15 31.98
CA LEU B 189 -12.52 14.62 31.16
C LEU B 189 -12.91 15.67 30.11
N SER B 190 -14.20 15.69 29.72
CA SER B 190 -14.72 16.65 28.73
C SER B 190 -15.27 17.93 29.38
N SER B 191 -15.29 17.99 30.74
CA SER B 191 -15.74 19.16 31.49
C SER B 191 -14.74 20.32 31.30
N PRO B 192 -15.19 21.51 30.81
CA PRO B 192 -14.25 22.62 30.57
C PRO B 192 -13.50 23.13 31.80
N TRP B 193 -14.11 23.06 33.00
CA TRP B 193 -13.48 23.51 34.24
C TRP B 193 -12.36 22.58 34.76
N ILE B 194 -12.15 21.43 34.08
CA ILE B 194 -11.11 20.45 34.43
C ILE B 194 -9.70 20.94 34.07
N GLN B 195 -9.62 21.92 33.15
CA GLN B 195 -8.38 22.56 32.69
C GLN B 195 -7.69 23.31 33.84
N VAL B 196 -8.49 23.75 34.84
CA VAL B 196 -8.06 24.48 36.04
C VAL B 196 -7.06 23.65 36.86
N TYR B 197 -7.26 22.31 36.90
CA TYR B 197 -6.36 21.39 37.59
C TYR B 197 -4.98 21.33 36.93
N ASN B 198 -4.95 21.43 35.59
CA ASN B 198 -3.70 21.40 34.80
C ASN B 198 -2.91 22.68 35.03
N ASN B 199 -3.61 23.83 35.13
CA ASN B 199 -3.02 25.15 35.36
C ASN B 199 -2.56 25.27 36.82
N PHE B 200 -3.40 24.82 37.77
CA PHE B 200 -3.09 24.87 39.20
C PHE B 200 -3.18 23.46 39.83
N PRO B 201 -2.05 22.70 39.88
CA PRO B 201 -2.09 21.34 40.43
C PRO B 201 -2.38 21.21 41.93
N ALA B 202 -2.25 22.32 42.68
CA ALA B 202 -2.51 22.37 44.12
C ALA B 202 -3.99 22.11 44.43
N LEU B 203 -4.90 22.54 43.53
CA LEU B 203 -6.35 22.39 43.65
C LEU B 203 -6.86 20.93 43.62
N LEU B 204 -5.99 19.98 43.21
CA LEU B 204 -6.29 18.55 43.20
C LEU B 204 -6.41 18.04 44.64
N ASP B 205 -5.59 18.61 45.55
CA ASP B 205 -5.57 18.29 46.97
C ASP B 205 -6.81 18.85 47.68
N TYR B 206 -7.15 20.13 47.40
CA TYR B 206 -8.29 20.83 48.00
C TYR B 206 -9.65 20.39 47.47
N PHE B 207 -9.70 19.99 46.19
CA PHE B 207 -10.91 19.49 45.54
C PHE B 207 -10.60 18.09 44.98
N PRO B 208 -10.58 17.04 45.84
CA PRO B 208 -10.23 15.70 45.34
C PRO B 208 -11.35 14.89 44.71
N GLY B 209 -12.59 15.40 44.76
CA GLY B 209 -13.79 14.77 44.23
C GLY B 209 -13.71 14.29 42.80
N THR B 210 -13.03 15.08 41.93
CA THR B 210 -12.84 14.78 40.51
C THR B 210 -11.97 13.54 40.30
N HIS B 211 -10.71 13.54 40.81
CA HIS B 211 -9.82 12.40 40.65
C HIS B 211 -10.28 11.15 41.42
N ASN B 212 -10.95 11.34 42.59
CA ASN B 212 -11.50 10.24 43.39
C ASN B 212 -12.58 9.47 42.63
N LYS B 213 -13.42 10.19 41.87
CA LYS B 213 -14.47 9.61 41.04
C LYS B 213 -13.87 8.82 39.87
N LEU B 214 -12.78 9.35 39.27
CA LEU B 214 -12.05 8.70 38.18
C LEU B 214 -11.35 7.43 38.68
N LEU B 215 -10.71 7.50 39.88
CA LEU B 215 -10.03 6.37 40.51
C LEU B 215 -11.01 5.24 40.81
N LYS B 216 -12.21 5.59 41.34
CA LYS B 216 -13.28 4.65 41.69
C LYS B 216 -13.80 3.89 40.46
N ASN B 217 -14.04 4.61 39.34
CA ASN B 217 -14.51 4.02 38.09
C ASN B 217 -13.47 3.14 37.43
N VAL B 218 -12.18 3.52 37.50
CA VAL B 218 -11.04 2.75 36.97
C VAL B 218 -10.91 1.46 37.79
N ALA B 219 -10.99 1.56 39.14
CA ALA B 219 -10.92 0.43 40.06
C ALA B 219 -12.03 -0.58 39.79
N PHE B 220 -13.27 -0.09 39.49
CA PHE B 220 -14.43 -0.90 39.14
C PHE B 220 -14.14 -1.69 37.86
N MET B 221 -13.59 -1.02 36.83
CA MET B 221 -13.25 -1.62 35.53
C MET B 221 -12.09 -2.61 35.66
N LYS B 222 -11.07 -2.27 36.48
CA LYS B 222 -9.90 -3.12 36.72
C LYS B 222 -10.28 -4.43 37.40
N SER B 223 -11.17 -4.38 38.42
CA SER B 223 -11.64 -5.56 39.15
C SER B 223 -12.57 -6.41 38.28
N TYR B 224 -13.32 -5.78 37.36
CA TYR B 224 -14.21 -6.44 36.42
C TYR B 224 -13.39 -7.23 35.39
N ILE B 225 -12.27 -6.64 34.93
CA ILE B 225 -11.32 -7.26 34.00
C ILE B 225 -10.60 -8.40 34.74
N LEU B 226 -10.31 -8.20 36.05
CA LEU B 226 -9.68 -9.21 36.93
C LEU B 226 -10.54 -10.47 37.05
N GLU B 227 -11.89 -10.31 37.07
CA GLU B 227 -12.84 -11.43 37.10
C GLU B 227 -12.64 -12.28 35.84
N LYS B 228 -12.48 -11.60 34.68
CA LYS B 228 -12.27 -12.24 33.38
C LYS B 228 -10.91 -12.91 33.28
N VAL B 229 -9.83 -12.27 33.80
CA VAL B 229 -8.48 -12.84 33.78
C VAL B 229 -8.38 -14.14 34.60
N LYS B 230 -9.14 -14.22 35.72
CA LYS B 230 -9.20 -15.39 36.60
C LYS B 230 -9.96 -16.53 35.89
N GLU B 231 -11.00 -16.18 35.11
CA GLU B 231 -11.79 -17.12 34.31
C GLU B 231 -10.93 -17.66 33.17
N HIS B 232 -10.02 -16.81 32.63
CA HIS B 232 -9.08 -17.16 31.58
C HIS B 232 -7.96 -18.05 32.12
N GLN B 233 -7.35 -17.68 33.28
CA GLN B 233 -6.27 -18.44 33.94
C GLN B 233 -6.63 -19.91 34.21
N GLU B 234 -7.93 -20.19 34.36
CA GLU B 234 -8.47 -21.53 34.58
C GLU B 234 -8.69 -22.27 33.24
N SER B 235 -9.54 -21.71 32.36
CA SER B 235 -9.94 -22.29 31.06
C SER B 235 -8.93 -22.22 29.91
N MET B 236 -7.98 -21.28 29.96
CA MET B 236 -6.98 -21.04 28.91
C MET B 236 -6.11 -22.24 28.52
N ASP B 237 -5.99 -22.45 27.20
CA ASP B 237 -5.17 -23.45 26.56
C ASP B 237 -3.98 -22.66 25.98
N MET B 238 -2.76 -22.96 26.46
CA MET B 238 -1.51 -22.29 26.06
C MET B 238 -1.21 -22.40 24.56
N ASN B 239 -1.76 -23.43 23.88
CA ASN B 239 -1.58 -23.68 22.46
C ASN B 239 -2.68 -23.04 21.60
N ASN B 240 -3.82 -22.66 22.22
CA ASN B 240 -4.94 -22.05 21.50
C ASN B 240 -5.40 -20.69 22.08
N PRO B 241 -4.72 -19.56 21.73
CA PRO B 241 -5.18 -18.26 22.23
C PRO B 241 -6.42 -17.78 21.47
N GLN B 242 -7.41 -17.27 22.21
CA GLN B 242 -8.68 -16.81 21.64
C GLN B 242 -8.80 -15.27 21.67
N ASP B 243 -8.09 -14.63 22.62
CA ASP B 243 -8.18 -13.18 22.83
C ASP B 243 -6.88 -12.53 23.34
N PHE B 244 -6.97 -11.24 23.74
CA PHE B 244 -5.88 -10.41 24.28
C PHE B 244 -5.38 -10.92 25.63
N ILE B 245 -6.31 -11.34 26.54
CA ILE B 245 -5.96 -11.85 27.87
C ILE B 245 -5.12 -13.13 27.74
N ASP B 246 -5.57 -14.08 26.88
CA ASP B 246 -4.86 -15.35 26.61
C ASP B 246 -3.43 -15.09 26.17
N CYS B 247 -3.25 -14.15 25.21
CA CYS B 247 -1.95 -13.76 24.66
C CYS B 247 -1.03 -13.15 25.73
N PHE B 248 -1.60 -12.34 26.64
CA PHE B 248 -0.86 -11.70 27.74
C PHE B 248 -0.40 -12.73 28.76
N LEU B 249 -1.27 -13.70 29.10
CA LEU B 249 -0.97 -14.77 30.05
C LEU B 249 0.12 -15.71 29.54
N MET B 250 0.16 -15.99 28.21
CA MET B 250 1.22 -16.82 27.64
C MET B 250 2.53 -16.04 27.44
N LYS B 251 2.43 -14.70 27.40
CA LYS B 251 3.57 -13.78 27.36
C LYS B 251 4.12 -13.72 28.79
N MET B 252 3.24 -13.97 29.79
CA MET B 252 3.59 -14.04 31.22
C MET B 252 4.19 -15.42 31.53
N GLU B 253 3.85 -16.46 30.72
CA GLU B 253 4.40 -17.81 30.83
C GLU B 253 5.84 -17.74 30.31
N LYS B 254 6.07 -16.88 29.30
CA LYS B 254 7.38 -16.52 28.76
C LYS B 254 7.89 -15.43 29.72
N GLU B 255 9.18 -15.05 29.65
CA GLU B 255 9.78 -14.02 30.54
C GLU B 255 9.66 -14.40 32.04
N LYS B 256 9.25 -15.65 32.35
CA LYS B 256 9.05 -16.20 33.69
C LYS B 256 10.36 -16.31 34.46
N HIS B 257 11.46 -16.62 33.74
CA HIS B 257 12.81 -16.74 34.31
C HIS B 257 13.37 -15.35 34.64
N ASN B 258 13.16 -14.37 33.74
CA ASN B 258 13.59 -12.99 33.92
C ASN B 258 12.49 -12.20 34.66
N GLN B 259 12.46 -12.36 35.99
CA GLN B 259 11.48 -11.78 36.93
C GLN B 259 11.19 -10.27 36.87
N PRO B 260 12.15 -9.32 36.65
CA PRO B 260 11.75 -7.90 36.56
C PRO B 260 11.03 -7.59 35.23
N SER B 261 9.94 -8.33 34.98
CA SER B 261 9.11 -8.27 33.77
C SER B 261 8.04 -7.18 33.84
N GLU B 262 7.74 -6.58 32.68
CA GLU B 262 6.73 -5.54 32.54
C GLU B 262 5.33 -6.12 32.36
N PHE B 263 5.24 -7.46 32.16
CA PHE B 263 3.99 -8.19 31.97
C PHE B 263 3.52 -8.85 33.27
N THR B 264 2.57 -8.18 33.94
CA THR B 264 1.96 -8.62 35.21
C THR B 264 0.44 -8.54 35.09
N ILE B 265 -0.30 -9.09 36.08
CA ILE B 265 -1.76 -9.04 36.13
C ILE B 265 -2.23 -7.58 36.22
N GLU B 266 -1.49 -6.75 36.99
CA GLU B 266 -1.72 -5.31 37.15
C GLU B 266 -1.56 -4.60 35.80
N SER B 267 -0.47 -4.90 35.04
CA SER B 267 -0.19 -4.33 33.73
C SER B 267 -1.27 -4.67 32.71
N LEU B 268 -1.77 -5.92 32.76
CA LEU B 268 -2.84 -6.41 31.89
C LEU B 268 -4.14 -5.64 32.18
N GLU B 269 -4.47 -5.43 33.47
CA GLU B 269 -5.63 -4.67 33.92
C GLU B 269 -5.56 -3.24 33.42
N ASN B 270 -4.37 -2.62 33.55
CA ASN B 270 -4.09 -1.25 33.13
C ASN B 270 -4.13 -1.08 31.61
N THR B 271 -3.61 -2.07 30.85
CA THR B 271 -3.61 -2.04 29.38
C THR B 271 -5.04 -2.20 28.86
N ALA B 272 -5.83 -3.11 29.47
CA ALA B 272 -7.21 -3.37 29.08
C ALA B 272 -8.11 -2.16 29.28
N VAL B 273 -8.00 -1.45 30.43
CA VAL B 273 -8.78 -0.24 30.72
C VAL B 273 -8.45 0.90 29.75
N ASP B 274 -7.16 1.00 29.36
CA ASP B 274 -6.64 1.98 28.40
C ASP B 274 -7.23 1.75 27.01
N LEU B 275 -7.34 0.47 26.59
CA LEU B 275 -7.91 0.09 25.30
C LEU B 275 -9.41 0.37 25.27
N PHE B 276 -10.11 0.21 26.41
CA PHE B 276 -11.53 0.52 26.54
C PHE B 276 -11.75 2.03 26.56
N GLY B 277 -10.88 2.75 27.27
CA GLY B 277 -10.92 4.19 27.40
C GLY B 277 -10.63 4.94 26.12
N ALA B 278 -9.53 4.57 25.44
CA ALA B 278 -9.10 5.19 24.18
C ALA B 278 -9.84 4.67 22.94
N GLY B 279 -10.41 3.47 23.04
CA GLY B 279 -11.09 2.80 21.93
C GLY B 279 -12.59 2.91 21.80
N THR B 280 -13.28 3.38 22.85
CA THR B 280 -14.74 3.48 22.81
C THR B 280 -15.26 4.83 22.34
N GLU B 281 -15.11 5.88 23.17
CA GLU B 281 -15.63 7.22 22.90
C GLU B 281 -15.16 7.86 21.61
N THR B 282 -13.87 7.69 21.26
CA THR B 282 -13.27 8.20 20.03
C THR B 282 -14.01 7.69 18.79
N THR B 283 -14.16 6.36 18.68
CA THR B 283 -14.85 5.67 17.58
C THR B 283 -16.34 6.01 17.57
N SER B 284 -16.97 6.01 18.76
CA SER B 284 -18.39 6.32 18.95
C SER B 284 -18.75 7.75 18.50
N THR B 285 -17.92 8.74 18.90
CA THR B 285 -18.10 10.15 18.54
C THR B 285 -17.95 10.35 17.03
N THR B 286 -16.94 9.70 16.41
CA THR B 286 -16.67 9.76 14.97
C THR B 286 -17.85 9.19 14.16
N LEU B 287 -18.41 8.05 14.59
CA LEU B 287 -19.57 7.42 13.95
C LEU B 287 -20.80 8.32 14.04
N ARG B 288 -21.02 8.93 15.22
CA ARG B 288 -22.13 9.84 15.50
C ARG B 288 -22.00 11.11 14.65
N TYR B 289 -20.77 11.62 14.52
CA TYR B 289 -20.49 12.81 13.72
C TYR B 289 -20.65 12.51 12.23
N ALA B 290 -20.28 11.28 11.81
CA ALA B 290 -20.40 10.84 10.42
C ALA B 290 -21.85 10.82 9.96
N LEU B 291 -22.77 10.25 10.78
CA LEU B 291 -24.21 10.20 10.47
C LEU B 291 -24.85 11.59 10.40
N LEU B 292 -24.37 12.54 11.22
CA LEU B 292 -24.84 13.92 11.24
C LEU B 292 -24.44 14.63 9.95
N LEU B 293 -23.20 14.40 9.48
CA LEU B 293 -22.68 14.97 8.24
C LEU B 293 -23.37 14.37 7.02
N LEU B 294 -23.73 13.07 7.10
CA LEU B 294 -24.45 12.36 6.04
C LEU B 294 -25.92 12.84 5.94
N LEU B 295 -26.49 13.35 7.05
CA LEU B 295 -27.85 13.90 7.11
C LEU B 295 -27.87 15.28 6.45
N LYS B 296 -26.84 16.11 6.74
CA LYS B 296 -26.65 17.47 6.22
C LYS B 296 -26.37 17.43 4.71
N HIS B 297 -25.66 16.40 4.25
CA HIS B 297 -25.29 16.21 2.84
C HIS B 297 -25.94 14.93 2.26
N PRO B 298 -27.23 14.99 1.83
CA PRO B 298 -27.88 13.77 1.29
C PRO B 298 -27.34 13.33 -0.07
N GLU B 299 -26.74 14.27 -0.84
CA GLU B 299 -26.14 14.00 -2.14
C GLU B 299 -24.88 13.11 -1.99
N VAL B 300 -24.17 13.29 -0.86
CA VAL B 300 -22.97 12.53 -0.48
C VAL B 300 -23.38 11.10 -0.11
N THR B 301 -24.45 10.96 0.70
CA THR B 301 -25.03 9.70 1.16
C THR B 301 -25.51 8.85 -0.01
N ALA B 302 -26.15 9.49 -1.02
CA ALA B 302 -26.66 8.86 -2.23
C ALA B 302 -25.54 8.23 -3.05
N LYS B 303 -24.40 8.94 -3.19
CA LYS B 303 -23.22 8.47 -3.91
C LYS B 303 -22.55 7.30 -3.19
N VAL B 304 -22.52 7.34 -1.83
CA VAL B 304 -21.96 6.27 -0.99
C VAL B 304 -22.83 5.01 -1.16
N GLN B 305 -24.17 5.17 -1.12
CA GLN B 305 -25.13 4.09 -1.30
C GLN B 305 -25.02 3.46 -2.69
N GLU B 306 -24.77 4.29 -3.74
CA GLU B 306 -24.56 3.86 -5.13
C GLU B 306 -23.36 2.89 -5.22
N GLU B 307 -22.25 3.22 -4.52
CA GLU B 307 -21.04 2.40 -4.45
C GLU B 307 -21.33 1.09 -3.72
N ILE B 308 -22.17 1.16 -2.67
CA ILE B 308 -22.56 0.00 -1.88
C ILE B 308 -23.33 -1.02 -2.73
N GLU B 309 -24.33 -0.57 -3.53
CA GLU B 309 -25.14 -1.44 -4.38
C GLU B 309 -24.32 -2.12 -5.50
N ARG B 310 -23.35 -1.38 -6.07
CA ARG B 310 -22.50 -1.82 -7.17
C ARG B 310 -21.39 -2.80 -6.74
N VAL B 311 -20.58 -2.41 -5.74
CA VAL B 311 -19.44 -3.21 -5.24
C VAL B 311 -19.93 -4.40 -4.41
N ILE B 312 -20.67 -4.12 -3.33
CA ILE B 312 -21.24 -5.13 -2.44
C ILE B 312 -22.70 -5.34 -2.93
N GLY B 313 -23.34 -6.41 -2.50
CA GLY B 313 -24.72 -6.64 -2.85
C GLY B 313 -25.62 -6.16 -1.74
N ARG B 314 -26.72 -6.87 -1.51
CA ARG B 314 -27.65 -6.65 -0.42
C ARG B 314 -27.72 -7.98 0.33
N ASN B 315 -27.32 -9.05 -0.36
CA ASN B 315 -27.31 -10.44 0.11
C ASN B 315 -26.02 -10.83 0.85
N ARG B 316 -25.09 -9.86 1.07
CA ARG B 316 -23.84 -10.10 1.80
C ARG B 316 -23.36 -8.88 2.60
N SER B 317 -22.67 -9.14 3.72
CA SER B 317 -22.13 -8.11 4.60
C SER B 317 -20.87 -7.47 4.00
N PRO B 318 -20.59 -6.17 4.26
CA PRO B 318 -19.36 -5.55 3.73
C PRO B 318 -18.09 -6.11 4.37
N CYS B 319 -16.98 -6.08 3.63
CA CYS B 319 -15.68 -6.54 4.11
C CYS B 319 -14.60 -5.50 3.77
N MET B 320 -13.44 -5.58 4.43
CA MET B 320 -12.32 -4.64 4.23
C MET B 320 -11.74 -4.62 2.82
N GLN B 321 -11.93 -5.71 2.07
CA GLN B 321 -11.49 -5.85 0.68
C GLN B 321 -12.27 -4.92 -0.26
N ASP B 322 -13.51 -4.57 0.12
CA ASP B 322 -14.41 -3.69 -0.66
C ASP B 322 -13.97 -2.24 -0.74
N ARG B 323 -13.28 -1.74 0.32
CA ARG B 323 -12.80 -0.35 0.42
C ARG B 323 -11.96 0.10 -0.77
N SER B 324 -11.10 -0.80 -1.29
CA SER B 324 -10.24 -0.55 -2.46
C SER B 324 -11.07 -0.26 -3.71
N HIS B 325 -12.22 -0.94 -3.84
CA HIS B 325 -13.16 -0.80 -4.95
C HIS B 325 -14.18 0.30 -4.69
N MET B 326 -14.12 0.92 -3.50
CA MET B 326 -15.02 2.00 -3.08
C MET B 326 -14.25 3.29 -2.73
N PRO B 327 -13.68 4.02 -3.73
CA PRO B 327 -12.92 5.24 -3.40
C PRO B 327 -13.74 6.39 -2.80
N TYR B 328 -14.99 6.58 -3.26
CA TYR B 328 -15.86 7.65 -2.76
C TYR B 328 -16.21 7.47 -1.28
N THR B 329 -16.59 6.25 -0.86
CA THR B 329 -16.92 5.90 0.53
C THR B 329 -15.69 6.12 1.42
N ASP B 330 -14.51 5.65 0.96
CA ASP B 330 -13.22 5.78 1.63
C ASP B 330 -12.85 7.25 1.83
N ALA B 331 -13.14 8.10 0.82
CA ALA B 331 -12.89 9.54 0.87
C ALA B 331 -13.81 10.22 1.87
N VAL B 332 -15.07 9.76 1.97
CA VAL B 332 -16.08 10.27 2.90
C VAL B 332 -15.64 10.02 4.35
N VAL B 333 -15.22 8.77 4.66
CA VAL B 333 -14.74 8.36 5.99
C VAL B 333 -13.51 9.20 6.37
N HIS B 334 -12.57 9.37 5.41
CA HIS B 334 -11.37 10.19 5.58
C HIS B 334 -11.73 11.65 5.83
N GLU B 335 -12.72 12.18 5.08
CA GLU B 335 -13.19 13.56 5.21
C GLU B 335 -13.87 13.82 6.55
N VAL B 336 -14.67 12.85 7.05
CA VAL B 336 -15.32 12.95 8.36
C VAL B 336 -14.23 13.19 9.42
N GLN B 337 -13.24 12.27 9.49
CA GLN B 337 -12.11 12.32 10.44
C GLN B 337 -11.28 13.60 10.32
N ARG B 338 -11.04 14.08 9.09
CA ARG B 338 -10.27 15.29 8.81
C ARG B 338 -11.02 16.55 9.23
N TYR B 339 -12.30 16.66 8.83
CA TYR B 339 -13.19 17.80 9.12
C TYR B 339 -13.47 17.94 10.62
N ILE B 340 -13.87 16.85 11.28
CA ILE B 340 -14.26 16.87 12.69
C ILE B 340 -13.14 17.21 13.66
N ASP B 341 -11.88 16.80 13.37
CA ASP B 341 -10.70 17.08 14.19
C ASP B 341 -10.99 16.74 15.67
N LEU B 342 -11.31 15.45 15.90
CA LEU B 342 -11.70 14.85 17.18
C LEU B 342 -10.79 15.24 18.36
N LEU B 343 -9.47 15.11 18.17
CA LEU B 343 -8.48 15.47 19.19
C LEU B 343 -7.61 16.58 18.60
N PRO B 344 -8.03 17.87 18.74
CA PRO B 344 -7.28 18.98 18.14
C PRO B 344 -5.80 19.06 18.52
N THR B 345 -5.46 18.68 19.77
CA THR B 345 -4.08 18.71 20.25
C THR B 345 -3.54 17.30 20.56
N SER B 346 -4.12 16.26 19.92
CA SER B 346 -3.77 14.83 20.11
C SER B 346 -3.74 14.51 21.61
N LEU B 347 -2.73 13.75 22.07
CA LEU B 347 -2.48 13.48 23.48
C LEU B 347 -1.11 14.13 23.77
N PRO B 348 -0.89 14.71 24.97
CA PRO B 348 0.39 15.40 25.21
C PRO B 348 1.63 14.52 25.12
N HIS B 349 2.65 15.05 24.42
CA HIS B 349 3.94 14.40 24.22
C HIS B 349 4.99 14.97 25.19
N ALA B 350 6.18 14.35 25.23
CA ALA B 350 7.29 14.77 26.08
C ALA B 350 8.60 14.35 25.45
N VAL B 351 9.64 15.18 25.58
CA VAL B 351 10.95 14.85 25.03
C VAL B 351 11.71 13.90 25.95
N THR B 352 12.22 12.79 25.38
CA THR B 352 12.93 11.74 26.12
C THR B 352 14.35 12.13 26.56
N CYS B 353 14.94 13.16 25.92
CA CYS B 353 16.28 13.66 26.20
C CYS B 353 16.42 15.15 25.86
N ASP B 354 17.58 15.77 26.20
CA ASP B 354 17.89 17.17 25.88
C ASP B 354 18.08 17.25 24.37
N ILE B 355 17.18 17.97 23.67
CA ILE B 355 17.22 18.07 22.21
C ILE B 355 17.35 19.51 21.66
N LYS B 356 18.03 19.63 20.50
CA LYS B 356 18.20 20.86 19.75
C LYS B 356 17.27 20.73 18.54
N PHE B 357 16.16 21.47 18.56
CA PHE B 357 15.14 21.42 17.51
C PHE B 357 14.82 22.80 16.95
N ARG B 358 15.01 22.96 15.62
CA ARG B 358 14.77 24.19 14.84
C ARG B 358 15.46 25.43 15.44
N ASN B 359 16.76 25.28 15.82
CA ASN B 359 17.61 26.31 16.44
C ASN B 359 17.29 26.57 17.93
N TYR B 360 16.27 25.86 18.47
CA TYR B 360 15.85 25.98 19.87
C TYR B 360 16.26 24.79 20.72
N LEU B 361 16.51 25.04 22.02
CA LEU B 361 16.92 24.03 23.00
C LEU B 361 15.72 23.63 23.88
N ILE B 362 15.35 22.34 23.84
CA ILE B 362 14.23 21.77 24.61
C ILE B 362 14.79 20.74 25.61
N PRO B 363 14.80 21.04 26.94
CA PRO B 363 15.36 20.07 27.91
C PRO B 363 14.49 18.83 28.13
N LYS B 364 15.11 17.73 28.61
CA LYS B 364 14.49 16.44 28.90
C LYS B 364 13.25 16.57 29.81
N GLY B 365 12.15 15.95 29.39
CA GLY B 365 10.89 15.95 30.14
C GLY B 365 9.91 17.05 29.82
N THR B 366 10.28 18.01 28.93
CA THR B 366 9.43 19.12 28.53
C THR B 366 8.23 18.62 27.72
N THR B 367 7.02 19.02 28.14
CA THR B 367 5.75 18.64 27.50
C THR B 367 5.64 19.28 26.12
N ILE B 368 5.27 18.47 25.12
CA ILE B 368 5.11 18.87 23.73
C ILE B 368 3.65 18.74 23.31
N LEU B 369 3.05 19.83 22.81
CA LEU B 369 1.68 19.84 22.31
C LEU B 369 1.68 19.84 20.78
N ILE B 370 1.15 18.78 20.19
CA ILE B 370 1.07 18.62 18.74
C ILE B 370 -0.27 19.17 18.27
N SER B 371 -0.26 20.18 17.39
CA SER B 371 -1.49 20.74 16.86
C SER B 371 -1.91 19.91 15.63
N LEU B 372 -2.87 19.00 15.83
CA LEU B 372 -3.38 18.15 14.75
C LEU B 372 -4.25 18.96 13.78
N THR B 373 -4.91 20.02 14.30
CA THR B 373 -5.77 20.94 13.54
C THR B 373 -4.99 21.61 12.42
N SER B 374 -3.76 22.09 12.73
CA SER B 374 -2.88 22.77 11.78
C SER B 374 -2.49 21.88 10.59
N VAL B 375 -2.44 20.56 10.81
CA VAL B 375 -2.10 19.57 9.79
C VAL B 375 -3.38 19.16 9.03
N LEU B 376 -4.43 18.77 9.77
CA LEU B 376 -5.73 18.34 9.21
C LEU B 376 -6.49 19.46 8.48
N HIS B 377 -6.31 20.71 8.93
CA HIS B 377 -7.00 21.86 8.34
C HIS B 377 -6.04 22.80 7.59
N ASP B 378 -5.04 22.22 6.90
CA ASP B 378 -4.08 22.97 6.09
C ASP B 378 -4.80 23.48 4.85
N ASN B 379 -4.82 24.82 4.68
CA ASN B 379 -5.49 25.51 3.58
C ASN B 379 -4.93 25.21 2.19
N LYS B 380 -3.63 24.84 2.10
CA LYS B 380 -2.96 24.51 0.84
C LYS B 380 -3.29 23.07 0.42
N GLU B 381 -3.13 22.10 1.35
CA GLU B 381 -3.43 20.68 1.11
C GLU B 381 -4.92 20.46 0.93
N PHE B 382 -5.73 21.15 1.75
CA PHE B 382 -7.19 21.04 1.69
C PHE B 382 -7.82 22.41 1.47
N PRO B 383 -7.98 22.86 0.19
CA PRO B 383 -8.62 24.17 -0.07
C PRO B 383 -10.01 24.20 0.53
N ASN B 384 -10.33 25.27 1.29
CA ASN B 384 -11.54 25.46 2.10
C ASN B 384 -11.51 24.35 3.18
N PRO B 385 -10.54 24.40 4.14
CA PRO B 385 -10.43 23.31 5.12
C PRO B 385 -11.54 23.23 6.17
N GLU B 386 -12.28 24.34 6.36
CA GLU B 386 -13.38 24.41 7.32
C GLU B 386 -14.69 23.86 6.74
N MET B 387 -14.66 23.41 5.46
CA MET B 387 -15.81 22.86 4.75
C MET B 387 -15.70 21.34 4.59
N PHE B 388 -16.83 20.62 4.76
CA PHE B 388 -16.89 19.18 4.57
C PHE B 388 -17.02 18.92 3.08
N ASP B 389 -16.00 18.29 2.48
CA ASP B 389 -15.98 17.97 1.05
C ASP B 389 -15.21 16.68 0.77
N PRO B 390 -15.90 15.59 0.35
CA PRO B 390 -15.19 14.33 0.06
C PRO B 390 -14.12 14.44 -1.03
N HIS B 391 -14.20 15.48 -1.90
CA HIS B 391 -13.25 15.74 -2.99
C HIS B 391 -11.83 16.06 -2.49
N HIS B 392 -11.66 16.31 -1.17
CA HIS B 392 -10.37 16.55 -0.51
C HIS B 392 -9.51 15.28 -0.56
N PHE B 393 -10.16 14.10 -0.67
CA PHE B 393 -9.51 12.79 -0.75
C PHE B 393 -9.86 12.07 -2.07
N LEU B 394 -10.19 12.85 -3.12
CA LEU B 394 -10.52 12.34 -4.46
C LEU B 394 -9.72 13.08 -5.52
N ASP B 395 -9.20 12.33 -6.51
CA ASP B 395 -8.44 12.94 -7.61
C ASP B 395 -9.36 13.37 -8.76
N GLU B 396 -8.77 13.66 -9.93
CA GLU B 396 -9.45 14.11 -11.15
C GLU B 396 -10.52 13.12 -11.64
N GLY B 397 -10.18 11.83 -11.63
CA GLY B 397 -11.06 10.75 -12.09
C GLY B 397 -11.85 10.00 -11.04
N GLY B 398 -12.06 10.62 -9.89
CA GLY B 398 -12.83 10.05 -8.79
C GLY B 398 -12.18 8.90 -8.04
N ASN B 399 -10.84 8.75 -8.15
CA ASN B 399 -10.07 7.71 -7.44
C ASN B 399 -9.63 8.27 -6.10
N PHE B 400 -9.34 7.41 -5.10
CA PHE B 400 -8.90 7.84 -3.78
C PHE B 400 -7.55 8.56 -3.85
N LYS B 401 -7.49 9.75 -3.23
CA LYS B 401 -6.31 10.59 -3.18
C LYS B 401 -5.81 10.66 -1.73
N LYS B 402 -4.78 9.87 -1.40
CA LYS B 402 -4.16 9.83 -0.07
C LYS B 402 -3.43 11.14 0.24
N SER B 403 -3.24 11.42 1.53
CA SER B 403 -2.54 12.63 1.98
C SER B 403 -1.71 12.34 3.23
N LYS B 404 -0.48 12.84 3.23
CA LYS B 404 0.45 12.72 4.37
C LYS B 404 -0.03 13.62 5.53
N TYR B 405 -0.95 14.56 5.22
CA TYR B 405 -1.59 15.51 6.12
C TYR B 405 -2.75 14.87 6.88
N PHE B 406 -3.23 13.68 6.43
CA PHE B 406 -4.30 12.95 7.11
C PHE B 406 -3.70 12.34 8.37
N MET B 407 -3.82 13.10 9.49
CA MET B 407 -3.27 12.75 10.80
C MET B 407 -4.29 12.74 11.97
N PRO B 408 -5.49 12.09 11.87
CA PRO B 408 -6.40 12.10 13.02
C PRO B 408 -5.95 11.19 14.16
N PHE B 409 -5.11 10.19 13.83
CA PHE B 409 -4.54 9.21 14.75
C PHE B 409 -3.12 9.62 15.16
N SER B 410 -2.69 10.83 14.74
CA SER B 410 -1.36 11.44 14.93
C SER B 410 -0.31 10.72 14.05
N ALA B 411 1.00 10.84 14.39
CA ALA B 411 2.09 10.23 13.63
C ALA B 411 3.28 9.91 14.54
N GLY B 412 4.16 9.04 14.03
CA GLY B 412 5.37 8.64 14.73
C GLY B 412 5.25 7.41 15.60
N LYS B 413 6.09 7.35 16.64
CA LYS B 413 6.17 6.25 17.59
C LYS B 413 4.92 6.11 18.45
N ARG B 414 4.23 7.22 18.75
CA ARG B 414 3.03 7.23 19.58
C ARG B 414 1.73 7.16 18.79
N ILE B 415 1.79 6.93 17.46
CA ILE B 415 0.61 6.81 16.60
C ILE B 415 -0.42 5.84 17.21
N CYS B 416 -1.71 6.17 17.08
CA CYS B 416 -2.81 5.38 17.61
C CYS B 416 -2.63 3.87 17.39
N VAL B 417 -2.70 3.09 18.48
CA VAL B 417 -2.56 1.63 18.48
C VAL B 417 -3.79 1.01 17.79
N GLY B 418 -4.93 1.67 17.91
CA GLY B 418 -6.19 1.25 17.32
C GLY B 418 -6.49 1.84 15.95
N GLU B 419 -5.46 2.38 15.26
CA GLU B 419 -5.57 2.99 13.93
C GLU B 419 -6.25 2.05 12.91
N ALA B 420 -5.77 0.80 12.81
CA ALA B 420 -6.30 -0.23 11.92
C ALA B 420 -7.70 -0.64 12.35
N LEU B 421 -7.92 -0.82 13.67
CA LEU B 421 -9.19 -1.20 14.26
C LEU B 421 -10.28 -0.15 14.04
N ALA B 422 -9.98 1.14 14.31
CA ALA B 422 -10.91 2.25 14.13
C ALA B 422 -11.29 2.41 12.66
N GLY B 423 -10.31 2.30 11.76
CA GLY B 423 -10.50 2.38 10.32
C GLY B 423 -11.40 1.27 9.81
N MET B 424 -11.26 0.08 10.41
CA MET B 424 -12.07 -1.10 10.14
C MET B 424 -13.50 -0.88 10.65
N GLU B 425 -13.65 -0.40 11.89
CA GLU B 425 -14.93 -0.10 12.53
C GLU B 425 -15.72 0.97 11.80
N LEU B 426 -15.07 2.10 11.45
CA LEU B 426 -15.72 3.19 10.73
C LEU B 426 -16.23 2.75 9.36
N PHE B 427 -15.39 2.06 8.58
CA PHE B 427 -15.79 1.57 7.25
C PHE B 427 -16.89 0.51 7.32
N LEU B 428 -16.69 -0.55 8.15
CA LEU B 428 -17.65 -1.64 8.26
C LEU B 428 -18.99 -1.25 8.87
N PHE B 429 -19.01 -0.38 9.90
CA PHE B 429 -20.26 0.05 10.52
C PHE B 429 -21.05 1.00 9.63
N LEU B 430 -20.39 2.01 9.03
CA LEU B 430 -21.06 2.98 8.16
C LEU B 430 -21.60 2.39 6.86
N THR B 431 -20.85 1.45 6.22
CA THR B 431 -21.32 0.79 5.00
C THR B 431 -22.52 -0.10 5.30
N SER B 432 -22.49 -0.82 6.46
CA SER B 432 -23.56 -1.70 6.91
C SER B 432 -24.84 -0.91 7.20
N ILE B 433 -24.71 0.28 7.81
CA ILE B 433 -25.84 1.16 8.13
C ILE B 433 -26.51 1.64 6.82
N LEU B 434 -25.70 2.19 5.89
CA LEU B 434 -26.20 2.70 4.61
C LEU B 434 -26.64 1.63 3.61
N GLN B 435 -26.20 0.38 3.80
CA GLN B 435 -26.59 -0.77 2.96
C GLN B 435 -28.03 -1.17 3.29
N ASN B 436 -28.38 -1.14 4.59
CA ASN B 436 -29.69 -1.54 5.12
C ASN B 436 -30.67 -0.40 5.36
N PHE B 437 -30.16 0.81 5.67
CA PHE B 437 -31.01 1.96 6.00
C PHE B 437 -30.73 3.24 5.23
N ASN B 438 -31.74 4.11 5.17
CA ASN B 438 -31.71 5.46 4.59
C ASN B 438 -31.89 6.42 5.78
N LEU B 439 -31.11 7.51 5.81
CA LEU B 439 -31.17 8.47 6.92
C LEU B 439 -32.11 9.63 6.63
N LYS B 440 -33.11 9.84 7.51
CA LYS B 440 -34.07 10.93 7.39
C LYS B 440 -33.98 11.85 8.60
N SER B 441 -33.83 13.15 8.34
CA SER B 441 -33.72 14.18 9.37
C SER B 441 -35.09 14.68 9.80
N LEU B 442 -35.23 14.99 11.10
CA LEU B 442 -36.46 15.52 11.69
C LEU B 442 -36.58 17.00 11.41
N VAL B 443 -35.45 17.73 11.45
CA VAL B 443 -35.38 19.18 11.28
C VAL B 443 -35.18 19.69 9.83
N ASP B 444 -34.64 18.82 8.93
CA ASP B 444 -34.30 19.05 7.51
C ASP B 444 -32.79 19.38 7.33
N PRO B 445 -32.15 19.00 6.19
CA PRO B 445 -30.69 19.25 6.04
C PRO B 445 -30.21 20.70 6.17
N LYS B 446 -30.98 21.66 5.63
CA LYS B 446 -30.64 23.09 5.63
C LYS B 446 -30.53 23.71 7.05
N ASN B 447 -31.40 23.27 7.97
CA ASN B 447 -31.44 23.77 9.36
C ASN B 447 -30.38 23.18 10.29
N LEU B 448 -29.88 21.96 9.98
CA LEU B 448 -28.88 21.24 10.78
C LEU B 448 -27.56 22.00 10.94
N ASP B 449 -27.04 22.00 12.18
CA ASP B 449 -25.76 22.65 12.53
C ASP B 449 -24.68 21.57 12.68
N THR B 450 -23.72 21.55 11.74
CA THR B 450 -22.61 20.58 11.76
C THR B 450 -21.36 21.19 12.42
N THR B 451 -21.50 22.41 12.96
CA THR B 451 -20.44 23.15 13.65
C THR B 451 -19.99 22.42 14.94
N PRO B 452 -18.66 22.20 15.11
CA PRO B 452 -18.18 21.46 16.29
C PRO B 452 -18.36 22.17 17.62
N VAL B 453 -18.37 21.37 18.70
CA VAL B 453 -18.49 21.86 20.08
C VAL B 453 -17.11 21.64 20.72
N VAL B 454 -16.25 22.68 20.67
CA VAL B 454 -14.89 22.64 21.21
C VAL B 454 -14.88 23.08 22.67
N ASN B 455 -14.94 22.09 23.59
CA ASN B 455 -14.92 22.30 25.04
C ASN B 455 -13.91 21.36 25.68
N GLY B 456 -12.72 21.90 25.96
CA GLY B 456 -11.60 21.18 26.54
C GLY B 456 -10.54 20.88 25.50
N PHE B 457 -10.23 19.59 25.30
CA PHE B 457 -9.23 19.16 24.31
C PHE B 457 -9.80 18.08 23.37
N ALA B 458 -11.13 18.10 23.16
CA ALA B 458 -11.86 17.19 22.28
C ALA B 458 -13.12 17.84 21.72
N SER B 459 -13.35 17.68 20.40
CA SER B 459 -14.51 18.22 19.70
C SER B 459 -15.60 17.17 19.53
N VAL B 460 -16.83 17.50 19.96
CA VAL B 460 -17.99 16.60 19.91
C VAL B 460 -19.12 17.19 19.03
N PRO B 461 -19.98 16.37 18.37
CA PRO B 461 -21.06 16.98 17.57
C PRO B 461 -22.21 17.48 18.46
N PRO B 462 -23.04 18.44 18.00
CA PRO B 462 -24.18 18.86 18.82
C PRO B 462 -25.29 17.81 18.79
N PHE B 463 -26.29 17.91 19.69
CA PHE B 463 -27.41 16.98 19.75
C PHE B 463 -28.22 16.98 18.46
N TYR B 464 -28.59 15.77 17.98
CA TYR B 464 -29.39 15.57 16.79
C TYR B 464 -30.17 14.25 16.87
N GLN B 465 -31.28 14.16 16.12
CA GLN B 465 -32.13 12.98 16.03
C GLN B 465 -32.33 12.60 14.57
N LEU B 466 -32.55 11.30 14.30
CA LEU B 466 -32.78 10.78 12.96
C LEU B 466 -33.59 9.48 12.95
N CYS B 467 -34.10 9.10 11.76
CA CYS B 467 -34.87 7.89 11.55
C CYS B 467 -34.10 6.95 10.63
N PHE B 468 -33.97 5.68 11.04
CA PHE B 468 -33.29 4.65 10.24
C PHE B 468 -34.36 3.86 9.47
N ILE B 469 -34.65 4.32 8.24
CA ILE B 469 -35.66 3.71 7.37
C ILE B 469 -35.06 2.59 6.51
N PRO B 470 -35.58 1.34 6.60
CA PRO B 470 -35.04 0.25 5.77
C PRO B 470 -35.20 0.52 4.28
N VAL B 471 -34.16 0.18 3.50
CA VAL B 471 -34.12 0.37 2.04
C VAL B 471 -35.15 -0.47 1.29
#